data_3ZKG
#
_entry.id   3ZKG
#
_cell.length_a   46.887
_cell.length_b   88.466
_cell.length_c   98.572
_cell.angle_alpha   90.00
_cell.angle_beta   96.58
_cell.angle_gamma   90.00
#
_symmetry.space_group_name_H-M   'P 1 21 1'
#
loop_
_entity.id
_entity.type
_entity.pdbx_description
1 polymer 'BETA-SECRETASE 2'
2 non-polymer 2-[3-(2-HYDROXY-1,1-DIHYDROXYMETHYL-ETHYLAMINO)-PROPYLAMINO]-2-HYDROXYMETHYL-PROPANE-1,3-DIOL
3 water water
#
_entity_poly.entity_id   1
_entity_poly.type   'polypeptide(L)'
_entity_poly.pdbx_seq_one_letter_code
;ANFLAMVDNLQGDSGRGYYLEMLIGTPPQKLQILVDTGSSNFAVAGTPHSYIDTYFDTERSSTYRSKGFDVTVKYTQGSW
TGFVGEDLVTIPKGFNTSFLVNIATIFESENFFLPGIKWNGILGLAYATLAKPSSSLETFFDSLVTQANIPNVFSMQMCG
AGLPVAGSGTNGGSLVLGGIEPSLYKGDIWYTPIKEEWYYQIEILKLEIGGQSLNLDCREYNADKAIVDSGTTLLRLPQK
VFDAVVEAVARASLIPAFSDGFWTGSQLACWTNSETPWSYFPKISIYLRDENSSRSFRITILPQLYIQPMMGAGLNYECY
RFGISPSTNALVIGATVMEGFYVIFDRAQKRVGFAASPCAEIAGAAVSEISGPFSTEDVASNCVPA
;
_entity_poly.pdbx_strand_id   A,B
#
loop_
_chem_comp.id
_chem_comp.type
_chem_comp.name
_chem_comp.formula
B3P non-polymer 2-[3-(2-HYDROXY-1,1-DIHYDROXYMETHYL-ETHYLAMINO)-PROPYLAMINO]-2-HYDROXYMETHYL-PROPANE-1,3-DIOL 'C11 H26 N2 O6'
#
# COMPACT_ATOMS: atom_id res chain seq x y z
N ASN A 2 20.92 -26.14 -18.44
CA ASN A 2 19.46 -25.95 -18.74
C ASN A 2 18.90 -24.75 -17.96
N PHE A 3 19.38 -23.56 -18.32
CA PHE A 3 19.06 -22.32 -17.58
C PHE A 3 17.58 -21.95 -17.58
N LEU A 4 16.85 -22.50 -18.55
CA LEU A 4 15.41 -22.27 -18.68
C LEU A 4 14.58 -22.72 -17.46
N ALA A 5 15.06 -23.71 -16.71
CA ALA A 5 14.39 -24.15 -15.48
C ALA A 5 14.37 -23.03 -14.43
N MET A 6 15.46 -22.26 -14.40
CA MET A 6 15.66 -21.20 -13.43
C MET A 6 14.85 -19.92 -13.69
N VAL A 7 14.41 -19.71 -14.93
CA VAL A 7 13.52 -18.59 -15.19
C VAL A 7 12.28 -18.65 -14.26
N ASP A 8 11.88 -17.48 -13.76
CA ASP A 8 10.72 -17.33 -12.88
C ASP A 8 10.87 -18.13 -11.57
N ASN A 9 12.06 -18.14 -11.00
CA ASN A 9 12.29 -18.82 -9.73
C ASN A 9 12.40 -17.93 -8.48
N LEU A 10 12.26 -16.61 -8.61
CA LEU A 10 12.26 -15.71 -7.45
C LEU A 10 10.89 -15.11 -7.25
N GLN A 11 10.53 -14.88 -5.99
CA GLN A 11 9.39 -14.06 -5.61
C GLN A 11 9.86 -12.85 -4.87
N GLY A 12 8.95 -11.91 -4.67
CA GLY A 12 9.21 -10.67 -3.97
C GLY A 12 9.50 -9.47 -4.84
N ASP A 13 10.14 -8.48 -4.23
CA ASP A 13 10.36 -7.17 -4.84
C ASP A 13 11.54 -6.46 -4.19
N SER A 14 11.92 -5.31 -4.74
CA SER A 14 12.97 -4.46 -4.15
C SER A 14 12.83 -4.23 -2.63
N GLY A 15 11.62 -3.94 -2.16
CA GLY A 15 11.43 -3.51 -0.77
C GLY A 15 11.46 -4.63 0.25
N ARG A 16 10.81 -5.75 -0.08
CA ARG A 16 10.78 -6.92 0.82
C ARG A 16 11.81 -8.02 0.41
N GLY A 17 12.66 -7.73 -0.58
CA GLY A 17 13.67 -8.71 -1.04
C GLY A 17 13.17 -9.71 -2.08
N TYR A 18 14.12 -10.29 -2.81
CA TYR A 18 13.83 -11.29 -3.77
C TYR A 18 14.24 -12.59 -3.14
N TYR A 19 13.40 -13.60 -3.21
CA TYR A 19 13.69 -14.87 -2.51
C TYR A 19 13.42 -16.14 -3.31
N LEU A 20 14.29 -17.13 -3.10
CA LEU A 20 14.32 -18.41 -3.78
C LEU A 20 13.80 -19.47 -2.81
N GLU A 21 12.99 -20.40 -3.30
CA GLU A 21 12.60 -21.55 -2.52
C GLU A 21 13.73 -22.59 -2.50
N MET A 22 14.07 -23.09 -1.32
CA MET A 22 15.08 -24.13 -1.21
C MET A 22 14.59 -25.26 -0.35
N LEU A 23 15.03 -26.46 -0.67
CA LEU A 23 14.79 -27.62 0.18
C LEU A 23 16.05 -27.97 0.97
N ILE A 24 15.94 -28.05 2.30
CA ILE A 24 17.16 -28.29 3.09
C ILE A 24 17.01 -29.52 3.96
N GLY A 25 18.06 -30.34 3.97
CA GLY A 25 18.10 -31.59 4.73
C GLY A 25 17.34 -32.80 4.17
N THR A 26 17.33 -33.84 4.98
CA THR A 26 16.77 -35.14 4.62
C THR A 26 15.92 -35.59 5.80
N PRO A 27 14.59 -35.59 5.66
CA PRO A 27 13.76 -35.23 4.51
C PRO A 27 13.75 -33.73 4.29
N PRO A 28 13.60 -33.29 3.03
CA PRO A 28 13.71 -31.84 2.69
C PRO A 28 12.70 -30.90 3.34
N GLN A 29 13.20 -29.91 4.10
CA GLN A 29 12.39 -28.84 4.70
C GLN A 29 12.47 -27.63 3.77
N LYS A 30 11.32 -27.10 3.36
CA LYS A 30 11.25 -26.01 2.38
C LYS A 30 11.35 -24.67 3.06
N LEU A 31 12.31 -23.86 2.61
N LEU A 31 12.32 -23.86 2.65
CA LEU A 31 12.50 -22.51 3.14
CA LEU A 31 12.48 -22.51 3.18
C LEU A 31 12.46 -21.49 2.02
C LEU A 31 12.49 -21.49 2.07
N GLN A 32 12.17 -20.25 2.39
N GLN A 32 12.21 -20.24 2.44
CA GLN A 32 12.21 -19.10 1.49
CA GLN A 32 12.22 -19.11 1.53
C GLN A 32 13.45 -18.24 1.77
C GLN A 32 13.46 -18.24 1.78
N ILE A 33 14.35 -18.14 0.80
CA ILE A 33 15.73 -17.62 1.05
C ILE A 33 16.02 -16.35 0.26
N LEU A 34 16.39 -15.28 0.95
CA LEU A 34 16.69 -14.02 0.31
C LEU A 34 18.00 -14.14 -0.50
N VAL A 35 17.99 -13.71 -1.76
CA VAL A 35 19.20 -13.68 -2.59
C VAL A 35 19.93 -12.36 -2.31
N ASP A 36 21.16 -12.44 -1.82
CA ASP A 36 21.91 -11.29 -1.30
C ASP A 36 23.32 -11.29 -1.84
N THR A 37 23.55 -10.47 -2.88
CA THR A 37 24.89 -10.37 -3.47
C THR A 37 25.83 -9.50 -2.63
N GLY A 38 25.33 -8.95 -1.51
CA GLY A 38 26.11 -8.15 -0.60
C GLY A 38 26.65 -8.87 0.63
N SER A 39 26.47 -10.21 0.71
CA SER A 39 27.04 -10.95 1.83
C SER A 39 27.48 -12.33 1.37
N SER A 40 28.03 -13.13 2.28
CA SER A 40 28.65 -14.38 1.81
C SER A 40 28.38 -15.59 2.67
N ASN A 41 27.33 -15.51 3.51
CA ASN A 41 26.91 -16.59 4.35
C ASN A 41 25.55 -17.11 3.89
N PHE A 42 25.39 -18.44 4.03
CA PHE A 42 24.10 -19.09 3.93
C PHE A 42 23.60 -19.26 5.37
N ALA A 43 22.62 -18.46 5.74
CA ALA A 43 22.06 -18.50 7.09
C ALA A 43 20.54 -18.59 7.10
N VAL A 44 20.00 -19.50 7.92
CA VAL A 44 18.55 -19.74 7.97
C VAL A 44 18.07 -19.68 9.42
N ALA A 45 16.82 -19.29 9.62
CA ALA A 45 16.14 -19.42 10.90
C ALA A 45 16.32 -20.83 11.41
N GLY A 46 16.75 -20.96 12.65
CA GLY A 46 16.94 -22.29 13.28
C GLY A 46 16.08 -22.50 14.51
N THR A 47 15.31 -21.48 14.83
CA THR A 47 14.38 -21.54 15.93
C THR A 47 13.14 -20.75 15.50
N PRO A 48 12.01 -20.98 16.18
CA PRO A 48 10.82 -20.18 15.96
C PRO A 48 11.02 -18.68 16.16
N HIS A 49 10.36 -17.88 15.33
CA HIS A 49 10.34 -16.43 15.53
C HIS A 49 8.94 -16.00 15.14
N SER A 50 8.32 -15.11 15.91
CA SER A 50 6.93 -14.70 15.61
C SER A 50 6.73 -13.96 14.26
N TYR A 51 7.78 -13.39 13.69
CA TYR A 51 7.65 -12.76 12.37
C TYR A 51 7.93 -13.69 11.20
N ILE A 52 8.22 -14.97 11.46
CA ILE A 52 8.44 -15.95 10.36
C ILE A 52 7.49 -17.14 10.57
N ASP A 53 7.19 -17.82 9.47
CA ASP A 53 6.23 -18.93 9.47
C ASP A 53 6.88 -20.30 9.40
N THR A 54 8.17 -20.38 9.09
CA THR A 54 8.88 -21.65 9.17
C THR A 54 10.37 -21.44 9.46
N TYR A 55 11.01 -22.47 10.03
CA TYR A 55 12.43 -22.46 10.33
C TYR A 55 13.02 -23.83 10.02
N PHE A 56 14.33 -23.87 9.86
CA PHE A 56 15.03 -25.12 9.62
C PHE A 56 15.33 -25.81 10.97
N ASP A 57 14.82 -27.03 11.16
CA ASP A 57 15.08 -27.80 12.39
C ASP A 57 16.16 -28.85 12.16
N THR A 58 17.38 -28.61 12.66
CA THR A 58 18.48 -29.53 12.38
C THR A 58 18.23 -30.95 12.93
N GLU A 59 17.43 -31.06 13.98
CA GLU A 59 17.17 -32.36 14.61
C GLU A 59 16.27 -33.27 13.78
N ARG A 60 15.59 -32.70 12.78
CA ARG A 60 14.73 -33.49 11.86
C ARG A 60 15.43 -33.91 10.57
N SER A 61 16.72 -33.57 10.48
CA SER A 61 17.48 -33.86 9.28
C SER A 61 18.57 -34.86 9.61
N SER A 62 18.44 -36.03 9.01
CA SER A 62 19.42 -37.10 9.17
C SER A 62 20.76 -36.79 8.53
N THR A 63 20.81 -35.86 7.56
CA THR A 63 22.07 -35.51 6.87
C THR A 63 22.79 -34.28 7.44
N TYR A 64 22.14 -33.55 8.34
CA TYR A 64 22.83 -32.43 9.02
C TYR A 64 24.02 -32.91 9.82
N ARG A 65 25.13 -32.19 9.72
CA ARG A 65 26.26 -32.38 10.61
C ARG A 65 26.75 -31.04 11.14
N SER A 66 26.86 -30.95 12.46
CA SER A 66 27.37 -29.75 13.13
C SER A 66 28.88 -29.58 12.80
N LYS A 67 29.32 -28.32 12.68
CA LYS A 67 30.74 -28.01 12.44
C LYS A 67 31.50 -27.59 13.70
N GLY A 68 30.82 -27.59 14.84
CA GLY A 68 31.49 -27.38 16.11
C GLY A 68 31.78 -25.94 16.48
N PHE A 69 31.15 -24.99 15.80
CA PHE A 69 31.25 -23.61 16.24
C PHE A 69 30.03 -22.81 15.85
N ASP A 70 29.88 -21.67 16.50
CA ASP A 70 28.86 -20.68 16.10
C ASP A 70 29.49 -19.46 15.45
N VAL A 71 28.63 -18.59 14.92
CA VAL A 71 29.12 -17.36 14.29
C VAL A 71 28.08 -16.30 14.55
N THR A 72 28.57 -15.09 14.76
CA THR A 72 27.73 -13.93 15.00
C THR A 72 27.98 -12.99 13.87
N VAL A 73 26.92 -12.46 13.26
CA VAL A 73 27.02 -11.56 12.13
C VAL A 73 26.29 -10.31 12.57
N LYS A 74 26.89 -9.18 12.23
CA LYS A 74 26.45 -7.86 12.65
C LYS A 74 26.33 -7.02 11.38
N TYR A 75 25.21 -6.36 11.19
CA TYR A 75 25.05 -5.46 10.05
C TYR A 75 24.90 -4.08 10.66
N THR A 76 24.81 -3.05 9.82
CA THR A 76 24.58 -1.72 10.33
C THR A 76 23.25 -1.70 11.09
N GLN A 77 22.27 -2.39 10.53
CA GLN A 77 21.01 -2.65 11.22
C GLN A 77 20.75 -4.18 11.28
N GLY A 78 20.65 -4.68 12.50
CA GLY A 78 20.34 -6.08 12.72
C GLY A 78 21.56 -6.96 12.89
N SER A 79 21.36 -8.09 13.56
CA SER A 79 22.39 -9.06 13.78
C SER A 79 21.77 -10.41 14.10
N TRP A 80 22.60 -11.44 14.09
CA TRP A 80 22.13 -12.79 14.41
C TRP A 80 23.32 -13.63 14.82
N THR A 81 23.06 -14.64 15.65
CA THR A 81 24.06 -15.63 15.96
C THR A 81 23.45 -16.96 15.62
N GLY A 82 24.29 -17.82 15.06
CA GLY A 82 23.81 -19.11 14.64
C GLY A 82 24.85 -20.18 14.79
N PHE A 83 24.37 -21.42 14.75
CA PHE A 83 25.21 -22.63 14.72
C PHE A 83 25.68 -22.86 13.30
N VAL A 84 26.92 -23.28 13.13
CA VAL A 84 27.46 -23.56 11.83
C VAL A 84 27.54 -25.08 11.68
N GLY A 85 26.94 -25.56 10.61
CA GLY A 85 26.92 -26.95 10.23
C GLY A 85 26.92 -27.07 8.73
N GLU A 86 26.54 -28.26 8.26
CA GLU A 86 26.45 -28.55 6.83
C GLU A 86 25.24 -29.46 6.61
N ASP A 87 24.66 -29.37 5.43
CA ASP A 87 23.54 -30.21 5.05
C ASP A 87 23.35 -30.15 3.53
N LEU A 88 22.53 -31.08 3.03
CA LEU A 88 22.18 -31.14 1.64
C LEU A 88 21.09 -30.15 1.35
N VAL A 89 21.23 -29.49 0.21
CA VAL A 89 20.23 -28.61 -0.33
C VAL A 89 19.95 -29.00 -1.75
N THR A 90 18.69 -28.76 -2.11
CA THR A 90 18.27 -28.79 -3.48
C THR A 90 17.49 -27.52 -3.73
N ILE A 91 17.63 -27.00 -4.94
CA ILE A 91 16.87 -25.87 -5.39
C ILE A 91 15.88 -26.38 -6.46
N PRO A 92 14.61 -26.61 -6.08
CA PRO A 92 13.66 -27.20 -7.04
C PRO A 92 13.68 -26.52 -8.40
N LYS A 93 13.56 -25.20 -8.41
CA LYS A 93 13.60 -24.41 -9.64
C LYS A 93 15.06 -24.08 -10.00
N GLY A 94 15.80 -25.12 -10.39
CA GLY A 94 17.17 -25.00 -10.87
C GLY A 94 17.99 -26.28 -10.80
N PHE A 95 18.22 -26.76 -9.59
CA PHE A 95 19.15 -27.87 -9.37
C PHE A 95 18.54 -29.01 -8.58
N ASN A 96 17.78 -29.85 -9.30
CA ASN A 96 17.08 -30.97 -8.71
C ASN A 96 17.98 -32.14 -8.27
N THR A 97 19.30 -31.91 -8.25
CA THR A 97 20.27 -32.85 -7.65
C THR A 97 20.95 -32.16 -6.45
N SER A 98 21.04 -32.87 -5.31
CA SER A 98 21.37 -32.23 -4.03
C SER A 98 22.89 -32.05 -3.86
N PHE A 99 23.25 -31.03 -3.10
CA PHE A 99 24.66 -30.70 -2.88
C PHE A 99 24.90 -30.25 -1.45
N LEU A 100 26.12 -30.47 -0.97
CA LEU A 100 26.43 -30.26 0.43
C LEU A 100 26.97 -28.84 0.60
N VAL A 101 26.37 -28.10 1.54
CA VAL A 101 26.73 -26.72 1.81
C VAL A 101 26.84 -26.41 3.29
N ASN A 102 27.70 -25.47 3.62
CA ASN A 102 27.74 -24.88 4.94
C ASN A 102 26.45 -24.14 5.20
N ILE A 103 25.98 -24.17 6.45
CA ILE A 103 24.76 -23.47 6.79
C ILE A 103 24.85 -22.98 8.23
N ALA A 104 24.41 -21.74 8.46
CA ALA A 104 24.29 -21.21 9.80
C ALA A 104 22.83 -21.23 10.17
N THR A 105 22.52 -21.80 11.35
CA THR A 105 21.14 -21.87 11.80
C THR A 105 20.99 -20.91 12.95
N ILE A 106 20.23 -19.86 12.68
CA ILE A 106 20.09 -18.76 13.58
C ILE A 106 19.26 -19.16 14.80
N PHE A 107 19.84 -19.01 15.97
CA PHE A 107 19.12 -19.23 17.21
C PHE A 107 18.85 -17.96 18.02
N GLU A 108 19.44 -16.84 17.61
CA GLU A 108 19.23 -15.54 18.29
C GLU A 108 19.39 -14.45 17.27
N SER A 109 18.64 -13.38 17.42
CA SER A 109 18.73 -12.31 16.43
C SER A 109 18.03 -11.08 16.92
N GLU A 110 18.32 -9.97 16.28
CA GLU A 110 17.77 -8.68 16.65
C GLU A 110 17.58 -7.97 15.32
N ASN A 111 16.37 -7.45 15.08
CA ASN A 111 16.05 -6.64 13.88
C ASN A 111 16.51 -7.26 12.56
N PHE A 112 16.46 -8.58 12.52
CA PHE A 112 16.83 -9.30 11.32
C PHE A 112 15.60 -9.81 10.63
N PHE A 113 14.81 -10.62 11.30
CA PHE A 113 13.54 -11.05 10.75
C PHE A 113 12.51 -9.96 11.09
N LEU A 114 12.07 -9.21 10.09
CA LEU A 114 11.23 -8.04 10.36
C LEU A 114 9.77 -8.40 10.07
N PRO A 115 8.81 -7.67 10.68
CA PRO A 115 7.40 -7.81 10.35
C PRO A 115 7.11 -7.68 8.84
N GLY A 116 6.26 -8.56 8.32
CA GLY A 116 5.82 -8.48 6.94
C GLY A 116 6.75 -9.11 5.90
N ILE A 117 7.91 -9.60 6.34
CA ILE A 117 8.88 -10.12 5.39
C ILE A 117 8.61 -11.60 5.20
N LYS A 118 8.84 -12.07 3.98
CA LYS A 118 8.44 -13.41 3.64
C LYS A 118 9.57 -14.42 3.60
N TRP A 119 10.82 -13.97 3.69
CA TRP A 119 11.95 -14.92 3.66
C TRP A 119 12.32 -15.30 5.08
N ASN A 120 12.95 -16.47 5.24
CA ASN A 120 13.36 -16.98 6.54
C ASN A 120 14.82 -17.46 6.55
N GLY A 121 15.56 -17.09 5.51
CA GLY A 121 17.02 -17.13 5.57
C GLY A 121 17.54 -16.30 4.44
N ILE A 122 18.86 -16.37 4.25
N ILE A 122 18.86 -16.37 4.27
CA ILE A 122 19.56 -15.53 3.32
CA ILE A 122 19.62 -15.51 3.38
C ILE A 122 20.66 -16.31 2.64
C ILE A 122 20.68 -16.30 2.65
N LEU A 123 20.81 -16.06 1.35
CA LEU A 123 21.82 -16.71 0.51
C LEU A 123 22.79 -15.62 0.05
N GLY A 124 23.89 -15.55 0.77
CA GLY A 124 24.95 -14.62 0.46
C GLY A 124 25.78 -15.09 -0.71
N LEU A 125 25.77 -14.29 -1.79
CA LEU A 125 26.37 -14.72 -3.03
C LEU A 125 27.68 -14.00 -3.39
N ALA A 126 28.26 -13.33 -2.43
CA ALA A 126 29.49 -12.57 -2.68
C ALA A 126 30.66 -13.47 -2.35
N TYR A 127 31.87 -12.90 -2.20
CA TYR A 127 33.10 -13.71 -2.16
C TYR A 127 33.45 -14.16 -0.77
N ALA A 128 34.36 -15.15 -0.70
CA ALA A 128 34.78 -15.75 0.57
C ALA A 128 35.36 -14.75 1.55
N THR A 129 36.03 -13.73 1.04
CA THR A 129 36.61 -12.71 1.92
C THR A 129 35.57 -12.10 2.90
N LEU A 130 34.27 -12.14 2.56
CA LEU A 130 33.24 -11.58 3.45
C LEU A 130 32.59 -12.67 4.35
N ALA A 131 32.95 -13.94 4.12
CA ALA A 131 32.37 -15.02 4.89
C ALA A 131 32.71 -14.92 6.37
N LYS A 132 31.75 -15.24 7.20
CA LYS A 132 31.96 -15.25 8.62
C LYS A 132 31.84 -16.66 9.14
N PRO A 133 32.70 -17.07 10.10
CA PRO A 133 33.70 -16.27 10.82
C PRO A 133 34.91 -15.83 10.02
N SER A 134 35.14 -16.48 8.88
CA SER A 134 36.33 -16.26 8.12
C SER A 134 36.15 -16.83 6.71
N SER A 135 37.06 -16.43 5.82
CA SER A 135 37.01 -16.86 4.45
C SER A 135 37.18 -18.37 4.26
N SER A 136 37.61 -19.10 5.29
CA SER A 136 37.70 -20.57 5.17
C SER A 136 36.31 -21.25 5.18
N LEU A 137 35.29 -20.53 5.61
CA LEU A 137 33.94 -21.08 5.49
C LEU A 137 33.41 -20.93 4.06
N GLU A 138 33.55 -22.00 3.29
CA GLU A 138 33.24 -22.02 1.85
C GLU A 138 31.83 -21.54 1.55
N THR A 139 31.71 -20.60 0.61
CA THR A 139 30.40 -20.02 0.35
C THR A 139 29.52 -21.04 -0.38
N PHE A 140 28.22 -20.79 -0.29
CA PHE A 140 27.24 -21.62 -0.94
C PHE A 140 27.51 -21.78 -2.42
N PHE A 141 27.75 -20.67 -3.12
CA PHE A 141 28.01 -20.75 -4.57
C PHE A 141 29.32 -21.44 -4.93
N ASP A 142 30.36 -21.25 -4.12
CA ASP A 142 31.63 -21.98 -4.37
C ASP A 142 31.47 -23.51 -4.18
N SER A 143 30.70 -23.94 -3.18
CA SER A 143 30.30 -25.35 -3.04
C SER A 143 29.54 -25.90 -4.26
N LEU A 144 28.61 -25.09 -4.78
CA LEU A 144 27.78 -25.52 -5.90
C LEU A 144 28.62 -25.68 -7.17
N VAL A 145 29.52 -24.72 -7.41
CA VAL A 145 30.40 -24.75 -8.57
C VAL A 145 31.27 -26.02 -8.59
N THR A 146 31.84 -26.37 -7.45
CA THR A 146 32.66 -27.57 -7.33
C THR A 146 31.82 -28.78 -7.63
N GLN A 147 30.71 -28.91 -6.92
CA GLN A 147 29.99 -30.17 -6.85
C GLN A 147 29.10 -30.45 -8.02
N ALA A 148 28.58 -29.38 -8.64
CA ALA A 148 27.71 -29.50 -9.81
C ALA A 148 28.50 -29.28 -11.09
N ASN A 149 29.75 -28.87 -10.94
CA ASN A 149 30.63 -28.61 -12.06
C ASN A 149 30.00 -27.64 -13.04
N ILE A 150 29.43 -26.53 -12.53
CA ILE A 150 28.90 -25.44 -13.40
C ILE A 150 29.89 -24.23 -13.53
N PRO A 151 29.72 -23.40 -14.55
CA PRO A 151 30.61 -22.22 -14.60
C PRO A 151 30.42 -21.27 -13.40
N ASN A 152 31.49 -20.57 -13.04
CA ASN A 152 31.56 -19.67 -11.93
C ASN A 152 30.94 -18.32 -12.31
N VAL A 153 29.65 -18.35 -12.58
CA VAL A 153 28.89 -17.15 -13.03
C VAL A 153 27.47 -17.37 -12.55
N PHE A 154 26.79 -16.28 -12.18
CA PHE A 154 25.35 -16.31 -12.00
C PHE A 154 24.80 -14.98 -12.48
N SER A 155 23.53 -14.96 -12.80
CA SER A 155 22.85 -13.77 -13.24
C SER A 155 21.45 -13.64 -12.61
N MET A 156 20.95 -12.40 -12.59
CA MET A 156 19.69 -12.05 -11.94
C MET A 156 18.86 -11.11 -12.79
N GLN A 157 17.61 -11.48 -12.99
CA GLN A 157 16.57 -10.64 -13.54
C GLN A 157 15.57 -10.35 -12.45
N MET A 158 15.40 -9.09 -12.14
CA MET A 158 14.41 -8.68 -11.17
C MET A 158 13.25 -7.96 -11.88
N CYS A 159 12.02 -8.44 -11.70
CA CYS A 159 10.90 -7.90 -12.47
C CYS A 159 9.89 -7.06 -11.65
N GLY A 160 10.26 -6.66 -10.45
CA GLY A 160 9.31 -5.94 -9.58
C GLY A 160 9.25 -4.44 -9.71
N ALA A 161 9.78 -3.87 -10.78
CA ALA A 161 9.70 -2.41 -10.97
C ALA A 161 8.25 -1.93 -10.97
N GLY A 162 7.97 -0.90 -10.16
CA GLY A 162 6.62 -0.37 -10.02
C GLY A 162 5.71 -1.26 -9.19
N ASN A 171 4.80 -9.81 -8.30
CA ASN A 171 5.78 -10.14 -9.32
C ASN A 171 7.07 -10.67 -8.72
N GLY A 172 7.99 -11.13 -9.58
CA GLY A 172 9.27 -11.70 -9.10
C GLY A 172 10.46 -11.57 -10.04
N GLY A 173 11.03 -12.70 -10.45
CA GLY A 173 12.12 -12.70 -11.40
C GLY A 173 12.90 -14.00 -11.45
N SER A 174 14.20 -13.89 -11.68
CA SER A 174 15.00 -15.07 -12.00
C SER A 174 16.37 -14.98 -11.39
N LEU A 175 16.85 -16.09 -10.84
CA LEU A 175 18.27 -16.23 -10.46
C LEU A 175 18.79 -17.41 -11.25
N VAL A 176 19.73 -17.15 -12.14
CA VAL A 176 20.32 -18.18 -12.98
C VAL A 176 21.69 -18.56 -12.45
N LEU A 177 21.81 -19.78 -11.97
CA LEU A 177 23.07 -20.21 -11.41
C LEU A 177 23.84 -20.97 -12.48
N GLY A 178 25.02 -20.48 -12.83
CA GLY A 178 25.88 -21.17 -13.77
C GLY A 178 25.90 -20.52 -15.13
N GLY A 179 25.20 -19.40 -15.30
CA GLY A 179 25.38 -18.66 -16.50
C GLY A 179 24.28 -17.69 -16.80
N ILE A 180 24.05 -17.50 -18.09
CA ILE A 180 23.28 -16.39 -18.61
C ILE A 180 22.14 -16.99 -19.43
N GLU A 181 20.93 -16.48 -19.24
CA GLU A 181 19.80 -16.87 -20.08
C GLU A 181 19.44 -15.76 -21.09
N PRO A 182 19.64 -16.05 -22.38
CA PRO A 182 19.42 -15.03 -23.42
C PRO A 182 18.02 -14.43 -23.41
N SER A 183 17.02 -15.20 -23.00
CA SER A 183 15.64 -14.70 -22.99
C SER A 183 15.38 -13.62 -21.94
N LEU A 184 16.33 -13.43 -21.00
CA LEU A 184 16.14 -12.50 -19.92
C LEU A 184 16.72 -11.13 -20.20
N TYR A 185 17.26 -10.90 -21.40
CA TYR A 185 17.84 -9.61 -21.74
C TYR A 185 17.67 -9.35 -23.22
N LYS A 186 17.94 -8.13 -23.64
CA LYS A 186 17.85 -7.72 -25.06
C LYS A 186 19.05 -6.83 -25.36
N GLY A 187 19.48 -6.78 -26.64
CA GLY A 187 20.61 -5.95 -27.04
C GLY A 187 21.96 -6.45 -26.54
N ASP A 188 22.89 -5.52 -26.36
CA ASP A 188 24.27 -5.87 -25.99
C ASP A 188 24.44 -5.96 -24.47
N ILE A 189 25.29 -6.86 -24.04
CA ILE A 189 25.76 -6.86 -22.67
C ILE A 189 27.01 -5.98 -22.58
N TRP A 190 27.03 -5.13 -21.55
CA TRP A 190 28.19 -4.32 -21.18
C TRP A 190 28.81 -4.76 -19.89
N TYR A 191 30.13 -4.98 -19.91
CA TYR A 191 30.84 -5.47 -18.73
C TYR A 191 31.80 -4.49 -18.07
N THR A 192 31.73 -4.39 -16.76
CA THR A 192 32.68 -3.56 -16.00
C THR A 192 33.50 -4.46 -15.08
N PRO A 193 34.81 -4.17 -14.91
CA PRO A 193 35.66 -5.00 -14.06
C PRO A 193 35.27 -4.98 -12.59
N ILE A 194 35.35 -6.14 -11.94
CA ILE A 194 35.30 -6.20 -10.49
C ILE A 194 36.66 -5.70 -9.99
N LYS A 195 36.66 -4.63 -9.19
CA LYS A 195 37.90 -4.00 -8.78
C LYS A 195 38.53 -4.73 -7.63
N GLU A 196 37.69 -5.41 -6.85
CA GLU A 196 38.10 -6.09 -5.67
C GLU A 196 37.06 -7.15 -5.39
N GLU A 197 37.53 -8.39 -5.21
CA GLU A 197 36.64 -9.48 -4.92
C GLU A 197 36.33 -9.62 -3.44
N TRP A 198 35.30 -8.89 -3.01
CA TRP A 198 34.77 -9.02 -1.67
C TRP A 198 33.28 -8.80 -1.76
N TYR A 199 32.86 -7.55 -1.77
CA TYR A 199 31.61 -7.21 -2.45
C TYR A 199 31.86 -7.26 -3.94
N TYR A 200 30.80 -7.21 -4.73
CA TYR A 200 30.90 -6.97 -6.15
C TYR A 200 31.22 -5.51 -6.38
N GLN A 201 32.49 -5.15 -6.16
CA GLN A 201 32.92 -3.76 -6.26
C GLN A 201 33.23 -3.44 -7.71
N ILE A 202 32.65 -2.34 -8.20
CA ILE A 202 32.86 -1.86 -9.56
C ILE A 202 33.19 -0.34 -9.54
N GLU A 203 33.72 0.16 -10.64
CA GLU A 203 34.27 1.51 -10.68
C GLU A 203 33.33 2.49 -11.34
N ILE A 204 32.85 3.47 -10.58
CA ILE A 204 31.91 4.46 -11.09
C ILE A 204 32.73 5.68 -11.40
N LEU A 205 32.56 6.18 -12.62
CA LEU A 205 33.35 7.29 -13.12
C LEU A 205 32.64 8.63 -12.97
N LYS A 206 31.32 8.60 -12.99
CA LYS A 206 30.53 9.83 -13.20
C LYS A 206 29.07 9.55 -12.89
N LEU A 207 28.36 10.55 -12.34
CA LEU A 207 26.91 10.53 -12.28
C LEU A 207 26.39 11.70 -13.06
N GLU A 208 25.25 11.49 -13.69
CA GLU A 208 24.70 12.48 -14.56
C GLU A 208 23.22 12.62 -14.26
N ILE A 209 22.78 13.85 -14.01
CA ILE A 209 21.38 14.13 -13.72
C ILE A 209 20.83 15.06 -14.80
N GLY A 210 19.77 14.62 -15.48
CA GLY A 210 19.16 15.41 -16.53
C GLY A 210 20.14 15.77 -17.63
N GLY A 211 21.08 14.86 -17.92
CA GLY A 211 22.09 15.09 -18.96
C GLY A 211 23.31 15.91 -18.54
N GLN A 212 23.33 16.35 -17.29
CA GLN A 212 24.36 17.24 -16.77
C GLN A 212 25.17 16.51 -15.69
N SER A 213 26.49 16.38 -15.86
CA SER A 213 27.25 15.61 -14.88
C SER A 213 27.31 16.34 -13.53
N LEU A 214 27.31 15.58 -12.44
CA LEU A 214 27.54 16.18 -11.11
C LEU A 214 28.98 16.63 -11.09
N ASN A 215 29.24 17.70 -10.35
CA ASN A 215 30.57 18.27 -10.27
C ASN A 215 31.27 17.78 -9.01
N LEU A 216 31.61 16.48 -9.01
CA LEU A 216 32.40 15.86 -7.96
C LEU A 216 33.52 15.03 -8.58
N ASP A 217 34.72 15.14 -8.02
CA ASP A 217 35.79 14.18 -8.23
C ASP A 217 35.21 12.77 -8.16
N CYS A 218 35.59 11.97 -9.15
CA CYS A 218 35.07 10.65 -9.31
C CYS A 218 35.43 9.75 -8.12
N ARG A 219 36.48 10.10 -7.37
CA ARG A 219 36.77 9.37 -6.12
C ARG A 219 35.63 9.36 -5.11
N GLU A 220 34.76 10.37 -5.15
CA GLU A 220 33.68 10.49 -4.19
C GLU A 220 32.64 9.39 -4.42
N TYR A 221 32.58 8.87 -5.64
CA TYR A 221 31.61 7.82 -5.97
C TYR A 221 32.08 6.43 -5.58
N ASN A 222 33.35 6.35 -5.22
CA ASN A 222 34.00 5.10 -4.86
C ASN A 222 34.56 5.16 -3.44
N ALA A 223 33.93 6.00 -2.61
CA ALA A 223 34.42 6.37 -1.26
C ALA A 223 34.17 5.24 -0.28
N ASP A 224 35.25 4.53 0.01
CA ASP A 224 35.24 3.17 0.48
C ASP A 224 34.90 2.25 -0.71
N LYS A 225 33.67 2.24 -1.24
CA LYS A 225 33.30 1.29 -2.28
C LYS A 225 32.00 1.58 -3.04
N ALA A 226 32.02 1.34 -4.36
CA ALA A 226 30.80 1.21 -5.16
C ALA A 226 30.50 -0.26 -5.43
N ILE A 227 29.28 -0.72 -5.11
CA ILE A 227 29.00 -2.16 -5.19
C ILE A 227 27.61 -2.45 -5.71
N VAL A 228 27.42 -3.67 -6.14
CA VAL A 228 26.12 -4.12 -6.65
C VAL A 228 25.58 -5.11 -5.65
N ASP A 229 24.43 -4.80 -5.04
CA ASP A 229 23.92 -5.57 -3.90
C ASP A 229 22.40 -5.75 -3.99
N SER A 230 21.95 -6.93 -4.41
CA SER A 230 20.50 -7.28 -4.43
C SER A 230 19.84 -7.38 -3.05
N GLY A 231 20.61 -7.41 -1.96
CA GLY A 231 20.06 -7.30 -0.58
C GLY A 231 19.83 -5.89 -0.06
N THR A 232 20.09 -4.90 -0.90
CA THR A 232 19.85 -3.51 -0.53
C THR A 232 18.66 -3.03 -1.31
N THR A 233 17.77 -2.33 -0.64
CA THR A 233 16.56 -1.91 -1.28
C THR A 233 16.87 -0.79 -2.26
N LEU A 234 17.26 0.36 -1.74
CA LEU A 234 17.34 1.58 -2.53
C LEU A 234 18.72 1.79 -3.15
N LEU A 235 18.82 2.76 -4.03
CA LEU A 235 20.10 3.29 -4.42
C LEU A 235 20.63 4.06 -3.21
N ARG A 236 21.77 3.64 -2.70
CA ARG A 236 22.38 4.32 -1.57
C ARG A 236 23.65 5.02 -2.03
N LEU A 237 23.79 6.27 -1.60
CA LEU A 237 24.89 7.12 -2.01
C LEU A 237 25.65 7.69 -0.80
N PRO A 238 26.98 7.72 -0.87
CA PRO A 238 27.69 8.34 0.23
C PRO A 238 27.15 9.75 0.47
N GLN A 239 27.08 10.18 1.71
CA GLN A 239 26.45 11.47 2.09
C GLN A 239 26.72 12.62 1.13
N LYS A 240 27.99 12.88 0.84
CA LYS A 240 28.35 13.95 -0.10
C LYS A 240 27.68 13.82 -1.51
N VAL A 241 27.73 12.61 -2.07
CA VAL A 241 27.07 12.34 -3.35
C VAL A 241 25.56 12.51 -3.17
N PHE A 242 25.01 11.98 -2.07
CA PHE A 242 23.58 12.08 -1.82
C PHE A 242 23.09 13.54 -1.87
N ASP A 243 23.78 14.41 -1.15
CA ASP A 243 23.38 15.81 -1.07
C ASP A 243 23.51 16.55 -2.42
N ALA A 244 24.55 16.24 -3.17
CA ALA A 244 24.68 16.80 -4.52
C ALA A 244 23.59 16.29 -5.50
N VAL A 245 23.27 15.00 -5.44
CA VAL A 245 22.21 14.47 -6.26
C VAL A 245 20.87 15.11 -5.94
N VAL A 246 20.54 15.23 -4.65
CA VAL A 246 19.30 15.87 -4.22
C VAL A 246 19.18 17.26 -4.83
N GLU A 247 20.24 18.06 -4.71
CA GLU A 247 20.21 19.41 -5.25
C GLU A 247 20.04 19.41 -6.76
N ALA A 248 20.72 18.50 -7.45
CA ALA A 248 20.57 18.44 -8.92
C ALA A 248 19.15 18.01 -9.31
N VAL A 249 18.59 17.02 -8.61
CA VAL A 249 17.27 16.52 -9.00
C VAL A 249 16.20 17.59 -8.69
N ALA A 250 16.34 18.24 -7.54
CA ALA A 250 15.42 19.29 -7.10
C ALA A 250 15.37 20.38 -8.18
N ARG A 251 16.55 20.84 -8.55
CA ARG A 251 16.67 21.90 -9.57
C ARG A 251 16.22 21.50 -10.95
N ALA A 252 16.38 20.22 -11.30
CA ALA A 252 15.98 19.77 -12.61
C ALA A 252 14.50 19.45 -12.64
N SER A 253 13.87 19.34 -11.47
CA SER A 253 12.42 19.16 -11.40
C SER A 253 11.84 20.53 -11.02
N LEU A 254 11.33 20.69 -9.78
CA LEU A 254 10.81 21.97 -9.19
C LEU A 254 9.33 21.90 -8.75
N ILE A 255 8.96 20.82 -8.08
CA ILE A 255 7.58 20.62 -7.66
C ILE A 255 7.36 21.16 -6.24
N PHE A 258 9.50 21.81 -3.05
CA PHE A 258 9.54 20.55 -2.30
C PHE A 258 9.81 20.68 -0.80
N SER A 259 9.06 19.93 0.01
CA SER A 259 9.35 19.80 1.42
C SER A 259 10.68 19.06 1.57
N ASP A 260 11.34 19.30 2.70
CA ASP A 260 12.65 18.72 2.99
C ASP A 260 12.50 17.24 3.20
N GLY A 261 11.38 16.85 3.80
CA GLY A 261 11.12 15.49 4.16
C GLY A 261 11.01 14.53 2.98
N PHE A 262 10.65 15.05 1.82
CA PHE A 262 10.58 14.18 0.65
C PHE A 262 11.93 13.53 0.39
N TRP A 263 12.99 14.33 0.43
CA TRP A 263 14.33 13.81 0.10
C TRP A 263 14.85 12.83 1.14
N THR A 264 14.40 12.97 2.39
CA THR A 264 14.87 12.12 3.51
C THR A 264 13.98 10.92 3.81
N GLY A 265 12.88 10.79 3.07
CA GLY A 265 11.91 9.72 3.30
C GLY A 265 11.05 9.96 4.52
N SER A 266 11.04 11.21 5.00
CA SER A 266 10.19 11.57 6.12
C SER A 266 8.77 11.81 5.59
N GLN A 267 8.67 12.18 4.32
CA GLN A 267 7.38 12.45 3.69
C GLN A 267 7.23 11.94 2.28
N LEU A 268 5.98 11.59 1.94
CA LEU A 268 5.67 11.16 0.60
C LEU A 268 4.94 12.28 -0.12
N ALA A 269 5.18 12.42 -1.41
CA ALA A 269 4.50 13.38 -2.25
C ALA A 269 3.31 12.68 -2.90
N CYS A 270 2.13 13.29 -2.82
CA CYS A 270 0.93 12.73 -3.42
C CYS A 270 0.41 13.63 -4.54
N TRP A 271 0.07 13.03 -5.68
CA TRP A 271 -0.36 13.81 -6.86
C TRP A 271 -1.64 13.28 -7.45
N THR A 276 1.05 11.09 -13.94
CA THR A 276 2.12 10.77 -13.01
C THR A 276 3.14 11.92 -12.93
N PRO A 277 3.83 12.03 -11.80
CA PRO A 277 4.93 12.97 -11.67
C PRO A 277 6.19 12.63 -12.49
N TRP A 278 6.27 11.44 -13.08
CA TRP A 278 7.53 10.96 -13.66
C TRP A 278 8.05 11.89 -14.75
N SER A 279 7.14 12.45 -15.53
CA SER A 279 7.50 13.42 -16.56
C SER A 279 8.15 14.71 -16.01
N TYR A 280 8.01 14.97 -14.70
CA TYR A 280 8.55 16.21 -14.11
C TYR A 280 10.01 16.07 -13.62
N PHE A 281 10.54 14.84 -13.63
CA PHE A 281 11.82 14.51 -12.95
C PHE A 281 12.87 14.03 -13.95
N PRO A 282 14.15 14.20 -13.64
CA PRO A 282 15.15 13.87 -14.67
C PRO A 282 15.63 12.41 -14.63
N LYS A 283 16.19 11.96 -15.75
CA LYS A 283 16.99 10.73 -15.81
C LYS A 283 18.25 10.81 -14.93
N ILE A 284 18.62 9.71 -14.27
CA ILE A 284 19.88 9.62 -13.53
C ILE A 284 20.78 8.54 -14.17
N SER A 285 21.99 8.94 -14.58
CA SER A 285 22.89 8.03 -15.25
C SER A 285 24.14 7.79 -14.45
N ILE A 286 24.53 6.53 -14.36
CA ILE A 286 25.75 6.14 -13.66
C ILE A 286 26.69 5.58 -14.73
N TYR A 287 27.90 6.11 -14.77
CA TYR A 287 28.86 5.70 -15.82
C TYR A 287 29.88 4.77 -15.22
N LEU A 288 30.10 3.64 -15.88
CA LEU A 288 30.96 2.58 -15.39
C LEU A 288 32.07 2.29 -16.40
N ARG A 289 33.30 2.09 -15.90
CA ARG A 289 34.40 1.84 -16.79
C ARG A 289 34.20 0.51 -17.49
N ASP A 290 34.47 0.51 -18.79
CA ASP A 290 34.40 -0.71 -19.57
C ASP A 290 35.61 -1.61 -19.33
N GLU A 291 35.46 -2.89 -19.64
CA GLU A 291 36.60 -3.78 -19.65
C GLU A 291 37.75 -3.24 -20.50
N ASN A 292 37.45 -2.51 -21.58
CA ASN A 292 38.45 -1.65 -22.21
C ASN A 292 38.57 -0.32 -21.43
N SER A 293 39.77 -0.11 -20.84
CA SER A 293 40.07 1.02 -19.94
C SER A 293 39.71 2.39 -20.52
N SER A 294 39.81 2.52 -21.83
CA SER A 294 39.65 3.79 -22.54
C SER A 294 38.18 4.13 -22.84
N ARG A 295 37.25 3.31 -22.33
CA ARG A 295 35.82 3.46 -22.61
C ARG A 295 34.97 3.28 -21.36
N SER A 296 33.81 3.95 -21.35
CA SER A 296 32.80 3.72 -20.35
C SER A 296 31.50 3.33 -21.03
N PHE A 297 30.57 2.87 -20.20
CA PHE A 297 29.20 2.78 -20.60
C PHE A 297 28.34 3.34 -19.47
N ARG A 298 27.06 3.41 -19.72
CA ARG A 298 26.14 4.15 -18.88
C ARG A 298 24.92 3.31 -18.60
N ILE A 299 24.57 3.19 -17.34
CA ILE A 299 23.28 2.68 -16.95
C ILE A 299 22.43 3.85 -16.40
N THR A 300 21.20 3.90 -16.87
CA THR A 300 20.32 5.03 -16.67
C THR A 300 19.04 4.57 -16.07
N ILE A 301 18.66 5.16 -14.92
CA ILE A 301 17.34 4.96 -14.39
C ILE A 301 16.44 6.17 -14.70
N LEU A 302 15.21 5.91 -15.07
CA LEU A 302 14.22 6.95 -15.27
C LEU A 302 13.47 7.17 -13.96
N PRO A 303 12.70 8.27 -13.87
CA PRO A 303 11.99 8.55 -12.61
C PRO A 303 11.12 7.41 -12.10
N GLN A 304 10.64 6.56 -13.00
CA GLN A 304 9.92 5.33 -12.64
C GLN A 304 10.62 4.49 -11.59
N LEU A 305 11.95 4.48 -11.62
CA LEU A 305 12.69 3.66 -10.67
C LEU A 305 13.09 4.35 -9.38
N TYR A 306 13.05 5.68 -9.31
CA TYR A 306 13.44 6.31 -8.06
C TYR A 306 12.37 7.22 -7.44
N ILE A 307 11.24 7.39 -8.13
CA ILE A 307 10.09 8.12 -7.58
C ILE A 307 9.01 7.06 -7.48
N GLN A 308 8.93 6.42 -6.33
CA GLN A 308 8.29 5.13 -6.24
C GLN A 308 6.89 5.31 -5.68
N PRO A 309 5.88 4.77 -6.38
CA PRO A 309 4.52 4.87 -5.87
C PRO A 309 4.33 3.92 -4.70
N MET A 310 3.54 4.32 -3.71
CA MET A 310 3.47 3.60 -2.44
C MET A 310 2.25 2.68 -2.36
N MET A 311 1.07 3.23 -2.65
CA MET A 311 -0.18 2.47 -2.52
C MET A 311 -0.39 1.51 -3.68
N GLU A 318 -1.54 8.88 -6.59
CA GLU A 318 -0.76 8.00 -5.73
C GLU A 318 0.07 8.84 -4.79
N CYS A 319 0.76 8.19 -3.86
CA CYS A 319 1.77 8.88 -3.04
C CYS A 319 3.12 8.24 -3.32
N TYR A 320 4.18 9.06 -3.33
CA TYR A 320 5.48 8.67 -3.89
C TYR A 320 6.64 8.92 -2.93
N ARG A 321 7.58 7.98 -2.87
CA ARG A 321 8.76 8.15 -2.01
C ARG A 321 10.00 8.26 -2.86
N PHE A 322 10.96 9.03 -2.39
CA PHE A 322 12.23 9.19 -3.07
C PHE A 322 13.02 7.90 -2.81
N GLY A 323 13.43 7.24 -3.90
CA GLY A 323 14.00 5.90 -3.84
C GLY A 323 15.52 5.89 -3.79
N ILE A 324 16.07 6.87 -3.08
CA ILE A 324 17.52 7.05 -2.94
C ILE A 324 17.77 7.49 -1.50
N SER A 325 18.75 6.87 -0.85
CA SER A 325 19.08 7.28 0.50
C SER A 325 20.58 7.38 0.66
N PRO A 326 21.02 8.06 1.73
CA PRO A 326 22.42 8.16 1.98
C PRO A 326 22.97 6.91 2.70
N SER A 327 24.25 6.67 2.50
CA SER A 327 24.98 5.60 3.20
C SER A 327 26.16 6.30 3.86
N THR A 328 26.75 5.71 4.90
CA THR A 328 27.99 6.27 5.46
C THR A 328 29.24 5.93 4.65
N ASN A 329 29.24 4.77 4.00
CA ASN A 329 30.48 4.09 3.58
C ASN A 329 30.51 3.51 2.16
N ALA A 330 29.41 3.61 1.42
CA ALA A 330 29.33 2.92 0.16
C ALA A 330 28.29 3.54 -0.75
N LEU A 331 28.56 3.47 -2.05
CA LEU A 331 27.54 3.71 -3.04
C LEU A 331 27.01 2.32 -3.41
N VAL A 332 25.74 2.08 -3.17
CA VAL A 332 25.20 0.74 -3.38
C VAL A 332 24.16 0.74 -4.47
N ILE A 333 24.46 0.02 -5.56
CA ILE A 333 23.51 -0.26 -6.62
C ILE A 333 22.60 -1.40 -6.14
N GLY A 334 21.52 -0.98 -5.53
CA GLY A 334 20.57 -1.85 -4.89
C GLY A 334 19.54 -2.38 -5.87
N ALA A 335 18.62 -3.14 -5.33
CA ALA A 335 17.55 -3.78 -6.09
C ALA A 335 16.69 -2.82 -6.92
N THR A 336 16.41 -1.63 -6.43
CA THR A 336 15.59 -0.69 -7.25
C THR A 336 16.25 -0.34 -8.59
N VAL A 337 17.59 -0.23 -8.62
CA VAL A 337 18.35 -0.06 -9.85
C VAL A 337 18.48 -1.36 -10.64
N MET A 338 18.70 -2.49 -9.97
CA MET A 338 18.80 -3.80 -10.64
C MET A 338 17.50 -4.25 -11.30
N GLU A 339 16.38 -3.74 -10.78
CA GLU A 339 15.08 -3.88 -11.46
C GLU A 339 15.05 -3.23 -12.84
N GLY A 340 16.05 -2.44 -13.16
CA GLY A 340 16.13 -1.86 -14.46
C GLY A 340 16.85 -2.71 -15.49
N PHE A 341 17.52 -3.78 -15.06
CA PHE A 341 18.51 -4.45 -15.90
C PHE A 341 18.58 -5.92 -15.65
N TYR A 342 19.25 -6.61 -16.58
CA TYR A 342 19.69 -7.97 -16.38
C TYR A 342 21.13 -7.81 -15.95
N VAL A 343 21.47 -8.40 -14.80
CA VAL A 343 22.78 -8.23 -14.16
C VAL A 343 23.50 -9.57 -14.06
N ILE A 344 24.71 -9.59 -14.63
CA ILE A 344 25.57 -10.78 -14.69
C ILE A 344 26.77 -10.72 -13.72
N PHE A 345 26.82 -11.64 -12.77
CA PHE A 345 27.91 -11.74 -11.79
C PHE A 345 28.91 -12.77 -12.30
N ASP A 346 29.79 -12.32 -13.19
CA ASP A 346 30.80 -13.15 -13.85
C ASP A 346 32.06 -13.19 -13.01
N ARG A 347 32.04 -14.05 -12.01
CA ARG A 347 33.18 -14.22 -11.16
C ARG A 347 34.36 -14.86 -11.91
N ALA A 348 34.07 -15.82 -12.81
CA ALA A 348 35.14 -16.46 -13.64
C ALA A 348 36.00 -15.45 -14.35
N GLN A 349 35.40 -14.37 -14.87
CA GLN A 349 36.17 -13.34 -15.58
C GLN A 349 36.26 -11.98 -14.84
N LYS A 350 35.91 -12.00 -13.56
CA LYS A 350 36.07 -10.85 -12.68
C LYS A 350 35.41 -9.59 -13.28
N ARG A 351 34.14 -9.72 -13.65
CA ARG A 351 33.41 -8.61 -14.25
C ARG A 351 31.94 -8.75 -13.92
N VAL A 352 31.25 -7.63 -13.96
CA VAL A 352 29.82 -7.57 -13.82
C VAL A 352 29.24 -7.03 -15.12
N GLY A 353 28.22 -7.70 -15.61
CA GLY A 353 27.55 -7.32 -16.83
C GLY A 353 26.15 -6.75 -16.58
N PHE A 354 25.80 -5.82 -17.44
CA PHE A 354 24.51 -5.16 -17.43
C PHE A 354 23.95 -5.21 -18.81
N ALA A 355 22.67 -5.47 -18.90
CA ALA A 355 21.99 -5.43 -20.15
C ALA A 355 20.53 -5.02 -19.97
N ALA A 356 19.94 -4.58 -21.06
CA ALA A 356 18.53 -4.22 -21.10
C ALA A 356 17.67 -5.47 -20.88
N SER A 357 16.59 -5.29 -20.13
CA SER A 357 15.77 -6.36 -19.64
C SER A 357 14.34 -6.13 -20.11
N PRO A 358 13.78 -7.11 -20.81
CA PRO A 358 12.36 -7.07 -21.23
C PRO A 358 11.37 -6.81 -20.10
N CYS A 359 11.62 -7.34 -18.91
CA CYS A 359 10.67 -7.22 -17.80
C CYS A 359 10.81 -5.91 -17.02
N ALA A 360 11.79 -5.10 -17.37
CA ALA A 360 11.95 -3.78 -16.74
C ALA A 360 11.01 -2.80 -17.42
N GLU A 361 9.74 -2.90 -17.07
CA GLU A 361 8.72 -2.06 -17.67
C GLU A 361 7.62 -1.83 -16.65
N ILE A 362 6.95 -0.70 -16.79
CA ILE A 362 5.76 -0.39 -16.02
C ILE A 362 4.69 -0.01 -17.06
N ALA A 363 3.63 -0.81 -17.18
CA ALA A 363 2.60 -0.59 -18.21
C ALA A 363 3.23 -0.58 -19.59
N GLY A 364 4.18 -1.49 -19.82
CA GLY A 364 4.91 -1.57 -21.08
C GLY A 364 5.87 -0.41 -21.35
N ALA A 365 5.99 0.53 -20.43
CA ALA A 365 6.89 1.65 -20.62
C ALA A 365 8.28 1.33 -20.02
N ALA A 366 9.33 1.71 -20.74
CA ALA A 366 10.72 1.60 -20.27
C ALA A 366 10.96 2.38 -18.97
N VAL A 367 11.78 1.81 -18.10
CA VAL A 367 12.12 2.44 -16.83
C VAL A 367 13.63 2.68 -16.70
N SER A 368 14.37 2.32 -17.74
CA SER A 368 15.82 2.33 -17.74
C SER A 368 16.36 2.33 -19.17
N GLU A 369 17.63 2.67 -19.30
CA GLU A 369 18.34 2.75 -20.56
C GLU A 369 19.77 2.28 -20.33
N ILE A 370 20.34 1.63 -21.34
CA ILE A 370 21.77 1.36 -21.31
C ILE A 370 22.35 1.76 -22.65
N SER A 371 23.52 2.36 -22.64
CA SER A 371 24.13 2.93 -23.79
C SER A 371 25.65 2.94 -23.61
N GLY A 372 26.37 2.92 -24.73
CA GLY A 372 27.82 2.99 -24.71
C GLY A 372 28.34 2.75 -26.11
N PRO A 373 29.64 2.99 -26.33
CA PRO A 373 30.64 3.39 -25.38
C PRO A 373 30.77 4.91 -25.33
N PHE A 374 31.47 5.39 -24.31
CA PHE A 374 31.84 6.80 -24.23
C PHE A 374 33.32 6.85 -23.91
N SER A 375 33.96 7.94 -24.33
CA SER A 375 35.38 8.12 -24.04
C SER A 375 35.65 8.42 -22.54
N THR A 376 36.76 7.88 -22.03
CA THR A 376 37.22 8.16 -20.66
C THR A 376 38.47 9.05 -20.70
N GLU A 377 38.64 9.81 -21.78
CA GLU A 377 39.78 10.71 -21.94
C GLU A 377 39.87 11.82 -20.88
N ASP A 378 38.71 12.25 -20.39
CA ASP A 378 38.58 13.33 -19.41
C ASP A 378 38.24 12.85 -17.98
N VAL A 379 38.46 11.56 -17.71
CA VAL A 379 38.33 11.06 -16.34
C VAL A 379 39.66 10.46 -15.95
N ALA A 380 39.92 10.38 -14.65
CA ALA A 380 41.17 9.81 -14.16
C ALA A 380 41.29 8.31 -14.48
N SER A 381 42.51 7.80 -14.49
CA SER A 381 42.77 6.39 -14.83
C SER A 381 42.21 5.48 -13.77
N ASN A 382 42.22 5.95 -12.52
CA ASN A 382 41.72 5.19 -11.38
C ASN A 382 40.89 6.08 -10.49
N CYS A 383 39.58 5.85 -10.49
CA CYS A 383 38.63 6.57 -9.65
C CYS A 383 38.46 5.94 -8.28
N VAL A 384 39.03 4.76 -8.08
CA VAL A 384 38.97 4.10 -6.79
C VAL A 384 40.11 4.61 -5.93
N PRO A 385 39.80 5.24 -4.78
CA PRO A 385 40.89 5.82 -3.98
C PRO A 385 41.66 4.79 -3.14
N LEU B 4 -29.32 -11.18 12.44
CA LEU B 4 -28.13 -12.03 12.76
C LEU B 4 -27.35 -12.50 11.52
N ALA B 5 -28.07 -12.80 10.44
CA ALA B 5 -27.43 -13.20 9.18
C ALA B 5 -26.67 -12.04 8.51
N MET B 6 -27.13 -10.81 8.75
CA MET B 6 -26.62 -9.61 8.08
C MET B 6 -25.26 -9.14 8.61
N VAL B 7 -24.74 -9.80 9.65
CA VAL B 7 -23.43 -9.47 10.19
C VAL B 7 -22.33 -9.95 9.25
N ASP B 8 -21.30 -9.11 9.08
CA ASP B 8 -20.17 -9.36 8.17
C ASP B 8 -20.58 -9.34 6.68
N ASN B 9 -21.67 -8.64 6.36
CA ASN B 9 -22.20 -8.59 4.97
C ASN B 9 -21.67 -7.42 4.13
N LEU B 10 -20.74 -6.64 4.67
CA LEU B 10 -20.10 -5.58 3.91
C LEU B 10 -18.64 -5.91 3.72
N GLN B 11 -18.11 -5.52 2.57
CA GLN B 11 -16.70 -5.60 2.25
C GLN B 11 -16.20 -4.18 2.04
N GLY B 12 -14.88 -3.96 2.09
CA GLY B 12 -14.27 -2.66 1.78
C GLY B 12 -13.82 -1.82 2.95
N ASP B 13 -13.73 -0.51 2.74
CA ASP B 13 -13.20 0.40 3.76
C ASP B 13 -13.54 1.85 3.43
N SER B 14 -13.24 2.75 4.35
CA SER B 14 -13.54 4.18 4.19
C SER B 14 -12.96 4.75 2.89
N GLY B 15 -11.76 4.31 2.53
CA GLY B 15 -11.10 4.81 1.33
C GLY B 15 -11.71 4.42 0.00
N ARG B 16 -12.03 3.14 -0.18
CA ARG B 16 -12.54 2.63 -1.46
C ARG B 16 -14.04 2.34 -1.45
N GLY B 17 -14.68 2.53 -0.29
CA GLY B 17 -16.13 2.31 -0.14
C GLY B 17 -16.46 1.00 0.54
N TYR B 18 -17.53 1.01 1.33
CA TYR B 18 -18.09 -0.20 1.87
C TYR B 18 -19.19 -0.66 0.95
N TYR B 19 -19.15 -1.92 0.54
CA TYR B 19 -20.12 -2.38 -0.43
C TYR B 19 -20.69 -3.71 -0.10
N LEU B 20 -21.87 -3.92 -0.68
CA LEU B 20 -22.76 -5.02 -0.42
C LEU B 20 -22.85 -5.85 -1.68
N GLU B 21 -22.73 -7.17 -1.54
CA GLU B 21 -22.99 -8.06 -2.66
C GLU B 21 -24.48 -8.26 -2.84
N MET B 22 -24.96 -8.12 -4.07
CA MET B 22 -26.38 -8.29 -4.38
C MET B 22 -26.57 -9.14 -5.62
N LEU B 23 -27.68 -9.86 -5.63
CA LEU B 23 -28.08 -10.71 -6.74
C LEU B 23 -29.28 -10.08 -7.44
N ILE B 24 -29.09 -9.70 -8.70
CA ILE B 24 -30.06 -8.90 -9.43
C ILE B 24 -30.50 -9.63 -10.69
N GLY B 25 -31.81 -9.66 -10.91
CA GLY B 25 -32.40 -10.28 -12.10
C GLY B 25 -32.61 -11.77 -12.00
N THR B 26 -33.15 -12.34 -13.08
CA THR B 26 -33.50 -13.77 -13.16
C THR B 26 -32.97 -14.36 -14.48
N PRO B 27 -32.00 -15.29 -14.41
CA PRO B 27 -31.30 -15.78 -13.23
C PRO B 27 -30.45 -14.69 -12.55
N PRO B 28 -30.04 -14.91 -11.29
CA PRO B 28 -29.36 -13.86 -10.54
C PRO B 28 -27.98 -13.49 -11.05
N GLN B 29 -27.78 -12.21 -11.41
CA GLN B 29 -26.44 -11.69 -11.74
C GLN B 29 -25.85 -11.04 -10.50
N LYS B 30 -24.60 -11.39 -10.21
CA LYS B 30 -23.96 -10.96 -8.96
C LYS B 30 -23.25 -9.62 -9.12
N LEU B 31 -23.61 -8.65 -8.27
CA LEU B 31 -22.98 -7.33 -8.28
C LEU B 31 -22.55 -6.83 -6.91
N GLN B 32 -21.56 -5.92 -6.92
CA GLN B 32 -21.03 -5.29 -5.72
C GLN B 32 -21.49 -3.84 -5.67
N ILE B 33 -22.23 -3.46 -4.63
CA ILE B 33 -22.90 -2.18 -4.56
C ILE B 33 -22.49 -1.35 -3.35
N LEU B 34 -22.08 -0.11 -3.59
CA LEU B 34 -21.65 0.81 -2.58
C LEU B 34 -22.84 1.25 -1.75
N VAL B 35 -22.68 1.21 -0.42
CA VAL B 35 -23.68 1.71 0.52
C VAL B 35 -23.43 3.20 0.79
N ASP B 36 -24.41 4.03 0.43
CA ASP B 36 -24.24 5.47 0.37
C ASP B 36 -25.46 6.10 0.98
N THR B 37 -25.29 6.60 2.19
CA THR B 37 -26.39 7.25 2.90
C THR B 37 -26.54 8.70 2.45
N GLY B 38 -25.73 9.11 1.48
CA GLY B 38 -25.80 10.47 0.93
C GLY B 38 -26.48 10.59 -0.41
N SER B 39 -27.19 9.55 -0.84
CA SER B 39 -27.90 9.56 -2.13
C SER B 39 -29.12 8.62 -2.07
N SER B 40 -29.99 8.69 -3.08
CA SER B 40 -31.28 7.99 -3.03
C SER B 40 -31.63 7.14 -4.23
N ASN B 41 -30.66 6.86 -5.08
CA ASN B 41 -30.93 6.01 -6.24
C ASN B 41 -30.18 4.72 -6.14
N PHE B 42 -30.80 3.66 -6.64
CA PHE B 42 -30.12 2.39 -6.83
C PHE B 42 -29.70 2.40 -8.30
N ALA B 43 -28.39 2.46 -8.56
CA ALA B 43 -27.89 2.63 -9.93
C ALA B 43 -26.70 1.72 -10.18
N VAL B 44 -26.70 1.00 -11.28
CA VAL B 44 -25.67 0.00 -11.53
C VAL B 44 -25.13 0.13 -12.92
N ALA B 45 -23.87 -0.24 -13.09
CA ALA B 45 -23.31 -0.40 -14.43
C ALA B 45 -24.26 -1.26 -15.28
N GLY B 46 -24.60 -0.73 -16.45
CA GLY B 46 -25.38 -1.46 -17.45
C GLY B 46 -24.60 -1.74 -18.72
N THR B 47 -23.34 -1.27 -18.78
CA THR B 47 -22.46 -1.51 -19.93
C THR B 47 -21.04 -1.69 -19.45
N PRO B 48 -20.21 -2.40 -20.23
CA PRO B 48 -18.86 -2.54 -19.71
C PRO B 48 -18.18 -1.19 -19.51
N HIS B 49 -17.17 -1.19 -18.65
CA HIS B 49 -16.33 -0.04 -18.45
C HIS B 49 -14.98 -0.63 -18.06
N SER B 50 -13.89 0.00 -18.48
CA SER B 50 -12.56 -0.61 -18.28
C SER B 50 -12.19 -0.75 -16.80
N TYR B 51 -12.67 0.14 -15.93
CA TYR B 51 -12.32 0.11 -14.51
C TYR B 51 -13.24 -0.73 -13.64
N ILE B 52 -14.15 -1.49 -14.24
CA ILE B 52 -15.00 -2.44 -13.48
C ILE B 52 -14.97 -3.83 -14.11
N ASP B 53 -15.16 -4.86 -13.28
CA ASP B 53 -15.05 -6.25 -13.73
C ASP B 53 -16.37 -6.87 -14.13
N THR B 54 -17.48 -6.23 -13.80
CA THR B 54 -18.79 -6.73 -14.23
C THR B 54 -19.84 -5.63 -14.20
N TYR B 55 -20.95 -5.92 -14.87
CA TYR B 55 -22.07 -4.98 -14.97
C TYR B 55 -23.38 -5.79 -15.10
N PHE B 56 -24.51 -5.15 -14.86
CA PHE B 56 -25.82 -5.79 -14.99
C PHE B 56 -26.27 -5.74 -16.45
N ASP B 57 -26.53 -6.89 -17.03
CA ASP B 57 -27.00 -6.98 -18.41
C ASP B 57 -28.49 -7.20 -18.38
N THR B 58 -29.27 -6.18 -18.71
CA THR B 58 -30.73 -6.27 -18.63
C THR B 58 -31.33 -7.29 -19.59
N GLU B 59 -30.69 -7.45 -20.75
CA GLU B 59 -31.16 -8.38 -21.79
C GLU B 59 -31.07 -9.85 -21.36
N ARG B 60 -30.27 -10.12 -20.32
CA ARG B 60 -30.10 -11.48 -19.79
C ARG B 60 -31.08 -11.78 -18.64
N SER B 61 -31.91 -10.81 -18.30
CA SER B 61 -32.83 -10.93 -17.16
C SER B 61 -34.26 -11.01 -17.66
N SER B 62 -34.96 -12.06 -17.28
CA SER B 62 -36.34 -12.26 -17.71
C SER B 62 -37.32 -11.48 -16.84
N THR B 63 -36.89 -11.00 -15.67
CA THR B 63 -37.77 -10.24 -14.78
C THR B 63 -37.62 -8.72 -14.94
N TYR B 64 -36.54 -8.28 -15.62
CA TYR B 64 -36.36 -6.86 -15.92
C TYR B 64 -37.48 -6.21 -16.76
N ARG B 65 -37.93 -5.03 -16.32
CA ARG B 65 -38.79 -4.19 -17.15
C ARG B 65 -38.32 -2.74 -17.22
N SER B 66 -38.29 -2.19 -18.43
CA SER B 66 -38.01 -0.76 -18.62
C SER B 66 -39.21 0.10 -18.21
N LYS B 67 -38.96 1.20 -17.50
CA LYS B 67 -40.03 2.15 -17.15
C LYS B 67 -40.15 3.27 -18.18
N GLY B 68 -39.50 3.09 -19.33
CA GLY B 68 -39.63 3.99 -20.45
C GLY B 68 -38.96 5.35 -20.32
N PHE B 69 -38.02 5.52 -19.41
CA PHE B 69 -37.30 6.79 -19.37
C PHE B 69 -35.86 6.69 -18.82
N ASP B 70 -35.14 7.80 -18.96
CA ASP B 70 -33.73 7.90 -18.58
C ASP B 70 -33.60 8.76 -17.35
N VAL B 71 -32.48 8.59 -16.66
CA VAL B 71 -32.16 9.48 -15.57
C VAL B 71 -30.68 9.87 -15.66
N THR B 72 -30.42 11.15 -15.44
CA THR B 72 -29.07 11.70 -15.41
C THR B 72 -28.81 12.28 -14.03
N VAL B 73 -27.71 11.87 -13.41
CA VAL B 73 -27.38 12.26 -12.07
C VAL B 73 -25.98 12.88 -12.07
N LYS B 74 -25.86 14.02 -11.40
CA LYS B 74 -24.65 14.83 -11.41
C LYS B 74 -24.19 15.04 -9.97
N TYR B 75 -22.90 14.82 -9.74
CA TYR B 75 -22.31 15.17 -8.47
C TYR B 75 -21.28 16.25 -8.74
N THR B 76 -20.76 16.82 -7.66
CA THR B 76 -19.63 17.74 -7.71
C THR B 76 -18.52 17.12 -8.55
N GLN B 77 -18.18 15.88 -8.22
CA GLN B 77 -17.22 15.08 -9.00
C GLN B 77 -17.92 13.81 -9.51
N GLY B 78 -18.03 13.69 -10.83
CA GLY B 78 -18.67 12.56 -11.46
C GLY B 78 -20.15 12.75 -11.78
N SER B 79 -20.64 11.88 -12.65
CA SER B 79 -21.98 11.97 -13.20
C SER B 79 -22.23 10.74 -14.02
N TRP B 80 -23.50 10.37 -14.19
CA TRP B 80 -23.87 9.22 -15.02
C TRP B 80 -25.30 9.37 -15.55
N THR B 81 -25.57 8.67 -16.64
CA THR B 81 -26.90 8.61 -17.22
C THR B 81 -27.28 7.15 -17.36
N GLY B 82 -28.53 6.85 -17.01
CA GLY B 82 -29.01 5.49 -17.01
C GLY B 82 -30.44 5.30 -17.47
N PHE B 83 -30.72 4.09 -17.92
CA PHE B 83 -32.10 3.68 -18.19
C PHE B 83 -32.72 3.38 -16.83
N VAL B 84 -33.95 3.84 -16.60
CA VAL B 84 -34.69 3.55 -15.38
C VAL B 84 -35.61 2.36 -15.65
N GLY B 85 -35.52 1.36 -14.77
CA GLY B 85 -36.32 0.17 -14.89
C GLY B 85 -36.64 -0.39 -13.53
N GLU B 86 -37.03 -1.66 -13.49
CA GLU B 86 -37.23 -2.36 -12.25
C GLU B 86 -36.90 -3.82 -12.46
N ASP B 87 -36.47 -4.48 -11.40
CA ASP B 87 -36.16 -5.89 -11.44
C ASP B 87 -36.15 -6.42 -10.01
N LEU B 88 -35.95 -7.73 -9.89
CA LEU B 88 -35.85 -8.43 -8.63
C LEU B 88 -34.44 -8.37 -8.08
N VAL B 89 -34.36 -8.19 -6.77
CA VAL B 89 -33.10 -8.19 -6.06
C VAL B 89 -33.24 -9.18 -4.91
N THR B 90 -32.15 -9.90 -4.65
CA THR B 90 -32.00 -10.72 -3.47
C THR B 90 -30.64 -10.41 -2.88
N ILE B 91 -30.59 -10.20 -1.56
CA ILE B 91 -29.32 -10.01 -0.88
C ILE B 91 -29.02 -11.31 -0.14
N PRO B 92 -28.02 -12.10 -0.62
CA PRO B 92 -27.72 -13.41 -0.01
C PRO B 92 -27.54 -13.32 1.50
N LYS B 93 -26.71 -12.36 1.92
CA LYS B 93 -26.41 -12.17 3.34
C LYS B 93 -27.43 -11.20 3.94
N GLY B 94 -28.63 -11.73 4.19
CA GLY B 94 -29.74 -10.93 4.70
C GLY B 94 -31.10 -11.58 4.50
N PHE B 95 -31.65 -11.46 3.29
CA PHE B 95 -32.99 -11.94 3.01
C PHE B 95 -32.94 -13.18 2.13
N ASN B 96 -33.89 -14.10 2.37
CA ASN B 96 -33.99 -15.37 1.66
C ASN B 96 -35.25 -15.41 0.79
N THR B 97 -35.75 -14.22 0.45
CA THR B 97 -36.76 -14.05 -0.58
C THR B 97 -36.31 -12.84 -1.41
N SER B 98 -36.75 -12.76 -2.66
CA SER B 98 -36.36 -11.66 -3.52
C SER B 98 -37.33 -10.52 -3.34
N PHE B 99 -37.03 -9.35 -3.91
CA PHE B 99 -38.01 -8.27 -3.97
C PHE B 99 -37.79 -7.32 -5.14
N LEU B 100 -38.86 -6.65 -5.51
CA LEU B 100 -38.90 -5.84 -6.72
C LEU B 100 -38.55 -4.40 -6.36
N VAL B 101 -37.54 -3.85 -7.03
CA VAL B 101 -37.04 -2.50 -6.77
C VAL B 101 -36.81 -1.77 -8.09
N ASN B 102 -36.91 -0.43 -8.07
CA ASN B 102 -36.44 0.39 -9.20
C ASN B 102 -34.94 0.26 -9.39
N ILE B 103 -34.50 0.43 -10.63
CA ILE B 103 -33.08 0.30 -10.96
C ILE B 103 -32.71 1.19 -12.15
N ALA B 104 -31.64 1.95 -11.97
CA ALA B 104 -31.02 2.73 -13.01
C ALA B 104 -29.84 1.95 -13.55
N THR B 105 -29.85 1.60 -14.82
CA THR B 105 -28.72 0.90 -15.45
C THR B 105 -27.88 1.87 -16.28
N ILE B 106 -26.71 2.19 -15.74
CA ILE B 106 -25.81 3.21 -16.29
C ILE B 106 -25.23 2.80 -17.65
N PHE B 107 -25.43 3.66 -18.64
CA PHE B 107 -24.92 3.38 -19.97
C PHE B 107 -23.86 4.39 -20.40
N GLU B 108 -23.76 5.51 -19.69
CA GLU B 108 -22.82 6.58 -19.97
C GLU B 108 -22.43 7.18 -18.64
N SER B 109 -21.15 7.49 -18.47
CA SER B 109 -20.71 8.11 -17.22
C SER B 109 -19.35 8.75 -17.38
N GLU B 110 -19.04 9.60 -16.42
CA GLU B 110 -17.79 10.32 -16.39
C GLU B 110 -17.32 10.45 -14.95
N ASN B 111 -16.08 10.05 -14.70
CA ASN B 111 -15.46 10.15 -13.37
C ASN B 111 -16.30 9.48 -12.25
N PHE B 112 -17.03 8.43 -12.61
CA PHE B 112 -17.90 7.77 -11.65
C PHE B 112 -17.36 6.41 -11.23
N PHE B 113 -17.03 5.59 -12.22
CA PHE B 113 -16.31 4.38 -11.97
C PHE B 113 -14.81 4.74 -12.06
N LEU B 114 -14.14 4.75 -10.91
CA LEU B 114 -12.73 5.19 -10.84
C LEU B 114 -11.80 3.99 -10.77
N PRO B 115 -10.54 4.12 -11.25
CA PRO B 115 -9.62 2.96 -11.21
C PRO B 115 -9.43 2.47 -9.78
N GLY B 116 -9.38 1.15 -9.61
CA GLY B 116 -9.22 0.53 -8.29
C GLY B 116 -10.49 0.33 -7.47
N ILE B 117 -11.64 0.80 -7.95
CA ILE B 117 -12.90 0.61 -7.21
C ILE B 117 -13.36 -0.83 -7.39
N LYS B 118 -13.87 -1.42 -6.33
CA LYS B 118 -14.32 -2.79 -6.44
C LYS B 118 -15.83 -2.88 -6.59
N TRP B 119 -16.54 -1.77 -6.39
CA TRP B 119 -18.00 -1.72 -6.56
C TRP B 119 -18.41 -1.31 -7.97
N ASN B 120 -19.55 -1.83 -8.44
CA ASN B 120 -20.02 -1.57 -9.79
C ASN B 120 -21.47 -1.05 -9.84
N GLY B 121 -21.93 -0.59 -8.69
CA GLY B 121 -23.20 0.10 -8.59
C GLY B 121 -23.28 0.75 -7.25
N ILE B 122 -24.36 1.49 -7.02
N ILE B 122 -24.39 1.44 -7.01
CA ILE B 122 -24.53 2.26 -5.79
CA ILE B 122 -24.55 2.27 -5.83
C ILE B 122 -25.95 2.12 -5.27
C ILE B 122 -25.97 2.12 -5.28
N LEU B 123 -26.06 1.98 -3.95
CA LEU B 123 -27.34 1.87 -3.23
C LEU B 123 -27.52 3.13 -2.42
N GLY B 124 -28.41 3.99 -2.89
CA GLY B 124 -28.74 5.22 -2.18
C GLY B 124 -29.73 4.97 -1.07
N LEU B 125 -29.35 5.30 0.16
CA LEU B 125 -30.16 4.99 1.34
C LEU B 125 -30.78 6.23 2.00
N ALA B 126 -30.62 7.38 1.35
CA ALA B 126 -31.17 8.61 1.85
C ALA B 126 -32.68 8.69 1.53
N TYR B 127 -33.29 9.86 1.61
CA TYR B 127 -34.74 9.94 1.48
C TYR B 127 -35.21 10.12 0.03
N ALA B 128 -36.49 9.81 -0.18
CA ALA B 128 -37.17 10.03 -1.43
C ALA B 128 -36.90 11.42 -2.00
N THR B 129 -36.91 12.43 -1.16
CA THR B 129 -36.76 13.79 -1.65
C THR B 129 -35.47 14.05 -2.50
N LEU B 130 -34.46 13.18 -2.37
CA LEU B 130 -33.24 13.28 -3.20
C LEU B 130 -33.25 12.36 -4.42
N ALA B 131 -34.21 11.46 -4.51
CA ALA B 131 -34.31 10.56 -5.67
C ALA B 131 -34.39 11.32 -7.01
N LYS B 132 -33.73 10.76 -8.02
CA LYS B 132 -33.77 11.34 -9.36
C LYS B 132 -34.44 10.33 -10.29
N PRO B 133 -35.33 10.80 -11.15
CA PRO B 133 -35.63 12.22 -11.47
C PRO B 133 -36.44 12.98 -10.42
N SER B 134 -37.22 12.25 -9.65
CA SER B 134 -38.07 12.87 -8.65
C SER B 134 -38.38 11.86 -7.57
N SER B 135 -38.84 12.40 -6.43
CA SER B 135 -39.18 11.58 -5.26
C SER B 135 -40.28 10.54 -5.51
N SER B 136 -40.93 10.62 -6.66
CA SER B 136 -41.84 9.56 -7.09
C SER B 136 -41.11 8.23 -7.37
N LEU B 137 -39.81 8.30 -7.68
CA LEU B 137 -39.03 7.08 -7.87
C LEU B 137 -38.64 6.42 -6.53
N GLU B 138 -39.48 5.47 -6.15
CA GLU B 138 -39.39 4.77 -4.88
C GLU B 138 -37.97 4.26 -4.64
N THR B 139 -37.41 4.60 -3.49
CA THR B 139 -36.05 4.17 -3.14
C THR B 139 -36.04 2.66 -2.88
N PHE B 140 -34.85 2.09 -2.84
CA PHE B 140 -34.64 0.68 -2.62
C PHE B 140 -35.15 0.25 -1.25
N PHE B 141 -34.88 1.08 -0.24
CA PHE B 141 -35.21 0.71 1.15
C PHE B 141 -36.71 0.73 1.38
N ASP B 142 -37.38 1.74 0.84
CA ASP B 142 -38.81 1.86 0.94
C ASP B 142 -39.52 0.68 0.25
N SER B 143 -38.98 0.24 -0.88
CA SER B 143 -39.44 -1.00 -1.54
C SER B 143 -39.29 -2.22 -0.65
N LEU B 144 -38.14 -2.32 -0.01
CA LEU B 144 -37.88 -3.40 0.93
C LEU B 144 -38.78 -3.29 2.15
N VAL B 145 -38.95 -2.10 2.69
CA VAL B 145 -39.82 -1.90 3.87
C VAL B 145 -41.23 -2.45 3.59
N THR B 146 -41.72 -2.16 2.39
CA THR B 146 -43.05 -2.55 1.96
C THR B 146 -43.14 -4.05 1.72
N GLN B 147 -42.21 -4.58 0.94
CA GLN B 147 -42.31 -5.98 0.55
C GLN B 147 -41.87 -6.94 1.64
N ALA B 148 -40.82 -6.61 2.38
CA ALA B 148 -40.26 -7.50 3.41
C ALA B 148 -40.98 -7.39 4.74
N ASN B 149 -41.77 -6.33 4.93
CA ASN B 149 -42.44 -6.07 6.19
C ASN B 149 -41.45 -5.92 7.36
N ILE B 150 -40.45 -5.05 7.15
CA ILE B 150 -39.48 -4.73 8.19
C ILE B 150 -39.72 -3.31 8.72
N PRO B 151 -39.19 -3.02 9.91
CA PRO B 151 -39.22 -1.65 10.42
C PRO B 151 -38.40 -0.71 9.52
N ASN B 152 -38.77 0.56 9.50
CA ASN B 152 -38.17 1.57 8.65
C ASN B 152 -36.94 2.12 9.37
N VAL B 153 -35.95 1.25 9.49
CA VAL B 153 -34.71 1.52 10.20
C VAL B 153 -33.64 0.67 9.56
N PHE B 154 -32.42 1.19 9.49
CA PHE B 154 -31.27 0.38 9.12
C PHE B 154 -30.08 0.91 9.90
N SER B 155 -29.07 0.07 10.05
CA SER B 155 -27.92 0.43 10.86
C SER B 155 -26.66 -0.10 10.23
N MET B 156 -25.55 0.51 10.59
CA MET B 156 -24.29 0.22 9.93
C MET B 156 -23.13 0.09 10.91
N GLN B 157 -22.40 -1.02 10.79
CA GLN B 157 -21.12 -1.19 11.46
C GLN B 157 -20.05 -1.26 10.37
N MET B 158 -19.07 -0.36 10.46
CA MET B 158 -17.91 -0.31 9.55
C MET B 158 -16.62 -0.62 10.29
N CYS B 159 -15.94 -1.69 9.90
CA CYS B 159 -14.75 -2.16 10.62
C CYS B 159 -13.44 -2.00 9.84
N GLY B 160 -13.38 -1.05 8.92
CA GLY B 160 -12.18 -0.77 8.16
C GLY B 160 -11.06 -0.15 8.99
N ALA B 161 -11.42 0.49 10.10
CA ALA B 161 -10.41 1.06 11.00
C ALA B 161 -9.71 -0.03 11.78
N ASN B 171 -11.15 -6.21 6.05
CA ASN B 171 -11.95 -5.82 7.21
C ASN B 171 -13.20 -5.07 6.77
N GLY B 172 -14.35 -5.70 6.95
CA GLY B 172 -15.59 -5.21 6.36
C GLY B 172 -16.52 -4.54 7.35
N GLY B 173 -17.73 -5.06 7.44
CA GLY B 173 -18.70 -4.59 8.42
C GLY B 173 -20.10 -5.17 8.21
N SER B 174 -21.09 -4.43 8.70
CA SER B 174 -22.46 -4.92 8.70
C SER B 174 -23.45 -3.85 8.30
N LEU B 175 -24.33 -4.18 7.37
CA LEU B 175 -25.52 -3.39 7.08
C LEU B 175 -26.73 -4.24 7.48
N VAL B 176 -27.44 -3.74 8.48
CA VAL B 176 -28.63 -4.41 9.00
C VAL B 176 -29.84 -3.63 8.54
N LEU B 177 -30.60 -4.24 7.65
CA LEU B 177 -31.80 -3.60 7.12
C LEU B 177 -32.97 -4.04 7.99
N GLY B 178 -33.75 -3.07 8.47
CA GLY B 178 -34.92 -3.37 9.28
C GLY B 178 -34.71 -3.22 10.78
N GLY B 179 -33.48 -3.09 11.25
CA GLY B 179 -33.27 -2.91 12.69
C GLY B 179 -31.86 -2.71 13.20
N ILE B 180 -31.65 -3.18 14.42
CA ILE B 180 -30.40 -3.02 15.14
C ILE B 180 -29.99 -4.42 15.60
N GLU B 181 -28.69 -4.70 15.58
CA GLU B 181 -28.16 -5.93 16.14
C GLU B 181 -27.34 -5.63 17.38
N PRO B 182 -27.81 -6.06 18.57
CA PRO B 182 -27.12 -5.70 19.81
C PRO B 182 -25.65 -6.10 19.83
N SER B 183 -25.32 -7.22 19.19
CA SER B 183 -23.94 -7.71 19.15
C SER B 183 -22.95 -6.79 18.44
N LEU B 184 -23.45 -5.76 17.75
CA LEU B 184 -22.58 -4.87 16.98
C LEU B 184 -22.19 -3.60 17.72
N TYR B 185 -22.73 -3.39 18.92
CA TYR B 185 -22.35 -2.26 19.74
C TYR B 185 -22.27 -2.60 21.22
N LYS B 186 -21.73 -1.66 21.97
CA LYS B 186 -21.51 -1.80 23.41
C LYS B 186 -22.07 -0.55 24.04
N GLY B 187 -22.46 -0.64 25.31
CA GLY B 187 -22.90 0.54 26.06
C GLY B 187 -24.21 1.10 25.56
N ASP B 188 -24.49 2.35 25.92
CA ASP B 188 -25.70 3.05 25.46
C ASP B 188 -25.67 3.56 24.00
N ILE B 189 -26.85 3.62 23.40
CA ILE B 189 -27.08 4.32 22.17
C ILE B 189 -27.48 5.76 22.48
N TRP B 190 -26.89 6.71 21.78
CA TRP B 190 -27.31 8.09 21.85
C TRP B 190 -27.94 8.53 20.55
N TYR B 191 -29.12 9.15 20.62
CA TYR B 191 -29.89 9.60 19.45
C TYR B 191 -29.93 11.11 19.26
N THR B 192 -29.71 11.56 18.02
CA THR B 192 -29.83 12.96 17.67
C THR B 192 -30.92 13.10 16.63
N PRO B 193 -31.71 14.18 16.70
CA PRO B 193 -32.81 14.36 15.74
C PRO B 193 -32.35 14.55 14.31
N ILE B 194 -33.05 13.94 13.36
CA ILE B 194 -32.92 14.30 11.96
C ILE B 194 -33.59 15.67 11.84
N LYS B 195 -32.83 16.67 11.45
CA LYS B 195 -33.35 18.04 11.36
C LYS B 195 -34.18 18.22 10.11
N GLU B 196 -33.85 17.45 9.06
CA GLU B 196 -34.46 17.60 7.75
C GLU B 196 -34.30 16.29 6.98
N GLU B 197 -35.39 15.75 6.45
CA GLU B 197 -35.36 14.43 5.84
C GLU B 197 -35.01 14.54 4.36
N TRP B 198 -33.71 14.64 4.07
CA TRP B 198 -33.23 14.60 2.70
C TRP B 198 -31.94 13.79 2.69
N TYR B 199 -30.82 14.41 3.01
CA TYR B 199 -29.67 13.72 3.58
C TYR B 199 -30.04 13.41 5.03
N TYR B 200 -29.21 12.64 5.72
CA TYR B 200 -29.39 12.46 7.16
C TYR B 200 -28.78 13.67 7.84
N GLN B 201 -29.53 14.77 7.86
CA GLN B 201 -29.06 16.04 8.38
C GLN B 201 -29.28 16.06 9.88
N ILE B 202 -28.21 16.32 10.62
CA ILE B 202 -28.25 16.41 12.08
C ILE B 202 -27.63 17.72 12.52
N GLU B 203 -27.75 18.06 13.81
CA GLU B 203 -27.35 19.37 14.35
C GLU B 203 -26.08 19.33 15.16
N ILE B 204 -24.99 19.84 14.60
CA ILE B 204 -23.75 19.94 15.35
C ILE B 204 -23.76 21.22 16.15
N LEU B 205 -23.27 21.13 17.38
CA LEU B 205 -23.32 22.25 18.32
C LEU B 205 -21.94 22.83 18.58
N LYS B 206 -20.90 22.03 18.38
CA LYS B 206 -19.58 22.34 18.90
C LYS B 206 -18.59 21.24 18.48
N LEU B 207 -17.40 21.65 18.03
CA LEU B 207 -16.28 20.72 17.89
C LEU B 207 -15.21 21.01 18.95
N GLU B 208 -14.54 19.95 19.39
CA GLU B 208 -13.61 20.02 20.51
C GLU B 208 -12.33 19.29 20.13
N ILE B 209 -11.17 19.93 20.35
CA ILE B 209 -9.87 19.33 20.04
C ILE B 209 -8.99 19.31 21.29
N GLY B 210 -8.61 18.12 21.72
CA GLY B 210 -7.83 17.95 22.94
C GLY B 210 -8.55 18.48 24.18
N GLY B 211 -9.88 18.52 24.12
CA GLY B 211 -10.70 19.06 25.21
C GLY B 211 -11.20 20.49 25.02
N GLN B 212 -10.63 21.23 24.06
CA GLN B 212 -10.91 22.65 23.88
C GLN B 212 -11.64 22.92 22.57
N SER B 213 -12.59 23.85 22.59
CA SER B 213 -13.41 24.14 21.41
C SER B 213 -12.75 25.20 20.52
N LEU B 214 -13.53 25.72 19.57
CA LEU B 214 -13.04 26.61 18.52
C LEU B 214 -13.73 27.98 18.53
N ASN B 215 -14.63 28.20 19.49
CA ASN B 215 -15.30 29.50 19.67
C ASN B 215 -16.00 30.08 18.43
N LEU B 216 -16.15 29.26 17.39
CA LEU B 216 -16.87 29.68 16.19
C LEU B 216 -18.35 29.59 16.49
N ASP B 217 -19.15 30.36 15.76
CA ASP B 217 -20.58 30.26 15.90
C ASP B 217 -20.96 28.79 15.66
N CYS B 218 -22.00 28.33 16.36
CA CYS B 218 -22.45 26.95 16.25
C CYS B 218 -23.08 26.71 14.88
N ARG B 219 -23.66 27.78 14.32
CA ARG B 219 -24.26 27.74 12.99
C ARG B 219 -23.25 27.61 11.86
N GLU B 220 -21.97 27.85 12.14
CA GLU B 220 -20.90 27.60 11.17
C GLU B 220 -20.71 26.09 10.99
N TYR B 221 -20.92 25.30 12.05
CA TYR B 221 -20.81 23.83 11.97
C TYR B 221 -21.98 23.19 11.21
N ASN B 222 -23.05 23.96 10.97
CA ASN B 222 -24.14 23.51 10.12
C ASN B 222 -24.31 24.44 8.95
N ALA B 223 -23.22 25.15 8.62
CA ALA B 223 -23.23 26.30 7.69
C ALA B 223 -24.29 26.13 6.63
N ASP B 224 -24.15 25.08 5.83
CA ASP B 224 -25.17 24.74 4.87
C ASP B 224 -25.94 23.51 5.36
N LYS B 225 -25.20 22.48 5.78
CA LYS B 225 -25.80 21.30 6.41
C LYS B 225 -24.70 20.41 7.01
N ALA B 226 -25.02 19.73 8.12
CA ALA B 226 -24.15 18.71 8.73
C ALA B 226 -24.83 17.37 8.57
N ILE B 227 -24.24 16.48 7.79
CA ILE B 227 -24.89 15.22 7.43
C ILE B 227 -24.04 13.99 7.80
N VAL B 228 -24.71 12.85 7.92
CA VAL B 228 -24.02 11.57 8.07
C VAL B 228 -24.06 10.85 6.75
N ASP B 229 -22.88 10.64 6.16
CA ASP B 229 -22.81 10.08 4.82
C ASP B 229 -21.77 8.96 4.66
N SER B 230 -22.22 7.72 4.50
CA SER B 230 -21.30 6.60 4.33
C SER B 230 -20.59 6.58 2.96
N GLY B 231 -21.05 7.36 1.99
CA GLY B 231 -20.40 7.42 0.66
C GLY B 231 -19.34 8.51 0.55
N THR B 232 -19.04 9.14 1.68
CA THR B 232 -17.96 10.09 1.79
C THR B 232 -16.84 9.42 2.59
N THR B 233 -15.60 9.60 2.14
CA THR B 233 -14.46 8.97 2.80
C THR B 233 -14.06 9.71 4.07
N LEU B 234 -13.65 10.96 3.93
CA LEU B 234 -13.14 11.73 5.07
C LEU B 234 -14.18 12.56 5.81
N LEU B 235 -13.78 13.02 6.99
CA LEU B 235 -14.52 14.04 7.69
C LEU B 235 -14.34 15.33 6.91
N ARG B 236 -15.40 15.82 6.27
CA ARG B 236 -15.30 17.09 5.54
C ARG B 236 -15.87 18.25 6.35
N LEU B 237 -15.08 19.32 6.50
CA LEU B 237 -15.46 20.52 7.23
C LEU B 237 -15.48 21.75 6.30
N PRO B 238 -16.54 22.61 6.39
CA PRO B 238 -16.54 23.85 5.61
C PRO B 238 -15.23 24.63 5.83
N GLN B 239 -14.78 25.37 4.83
CA GLN B 239 -13.44 25.98 4.90
C GLN B 239 -13.11 26.66 6.22
N LYS B 240 -14.01 27.48 6.74
CA LYS B 240 -13.80 28.15 8.02
C LYS B 240 -13.46 27.20 9.17
N VAL B 241 -14.18 26.08 9.26
CA VAL B 241 -14.05 25.15 10.39
C VAL B 241 -12.80 24.30 10.23
N PHE B 242 -12.56 23.87 8.99
CA PHE B 242 -11.35 23.15 8.63
C PHE B 242 -10.09 23.88 9.11
N ASP B 243 -10.00 25.16 8.79
CA ASP B 243 -8.86 25.98 9.24
C ASP B 243 -8.70 25.96 10.75
N ALA B 244 -9.79 26.26 11.47
CA ALA B 244 -9.75 26.30 12.94
C ALA B 244 -9.27 24.99 13.55
N VAL B 245 -9.75 23.87 13.02
CA VAL B 245 -9.32 22.54 13.49
C VAL B 245 -7.84 22.28 13.18
N VAL B 246 -7.41 22.52 11.95
CA VAL B 246 -6.00 22.32 11.56
C VAL B 246 -5.09 23.15 12.47
N GLU B 247 -5.49 24.41 12.67
CA GLU B 247 -4.82 25.36 13.55
C GLU B 247 -4.69 24.84 14.97
N ALA B 248 -5.66 24.03 15.41
CA ALA B 248 -5.70 23.49 16.77
C ALA B 248 -5.02 22.12 16.90
N VAL B 249 -5.13 21.28 15.87
CA VAL B 249 -4.45 19.97 15.90
C VAL B 249 -2.92 20.12 15.84
N ALA B 250 -2.44 21.03 14.99
CA ALA B 250 -1.00 21.29 14.88
C ALA B 250 -0.42 21.77 16.22
N ARG B 251 -1.11 22.69 16.89
CA ARG B 251 -0.64 23.28 18.16
C ARG B 251 -0.62 22.29 19.35
N ALA B 252 -0.97 21.03 19.13
CA ALA B 252 -0.88 19.98 20.14
C ALA B 252 -0.16 18.74 19.60
N SER B 253 0.78 18.95 18.70
CA SER B 253 1.54 17.86 18.09
C SER B 253 2.97 18.29 17.76
N SER B 259 2.89 20.85 9.35
CA SER B 259 3.59 20.12 8.29
C SER B 259 3.24 20.64 6.88
N ASP B 260 2.17 21.44 6.78
CA ASP B 260 1.76 22.19 5.58
C ASP B 260 1.02 21.35 4.51
N GLY B 261 1.74 20.45 3.85
CA GLY B 261 1.15 19.59 2.83
C GLY B 261 0.40 18.41 3.41
N PHE B 262 0.75 18.03 4.64
CA PHE B 262 0.07 16.96 5.34
C PHE B 262 -1.41 17.31 5.50
N TRP B 263 -1.68 18.52 5.95
CA TRP B 263 -3.06 18.98 6.23
C TRP B 263 -3.91 19.06 4.96
N THR B 264 -3.26 19.41 3.85
CA THR B 264 -3.94 19.58 2.59
C THR B 264 -4.07 18.26 1.82
N GLY B 265 -3.49 17.18 2.36
CA GLY B 265 -3.48 15.88 1.67
C GLY B 265 -2.44 15.71 0.56
N SER B 266 -1.65 16.74 0.29
CA SER B 266 -0.67 16.70 -0.81
C SER B 266 0.61 15.98 -0.40
N GLN B 267 0.72 15.67 0.89
CA GLN B 267 1.88 14.94 1.42
C GLN B 267 1.44 13.98 2.53
N LEU B 268 2.14 12.85 2.66
CA LEU B 268 1.99 11.97 3.82
C LEU B 268 3.16 12.12 4.80
N ALA B 269 2.94 11.71 6.04
CA ALA B 269 3.98 11.73 7.05
C ALA B 269 4.40 10.31 7.37
N CYS B 270 5.70 10.02 7.29
CA CYS B 270 6.20 8.67 7.50
C CYS B 270 6.99 8.50 8.78
N TRP B 271 6.74 7.38 9.48
CA TRP B 271 7.51 6.97 10.65
C TRP B 271 8.20 5.62 10.41
N THR B 276 4.47 4.56 17.39
CA THR B 276 3.46 5.20 16.55
C THR B 276 3.23 6.63 17.02
N PRO B 277 2.92 7.53 16.08
CA PRO B 277 2.68 8.94 16.40
C PRO B 277 1.30 9.24 17.02
N TRP B 278 0.38 8.28 16.98
CA TRP B 278 -0.98 8.52 17.48
C TRP B 278 -1.04 9.10 18.90
N SER B 279 -0.03 8.80 19.72
CA SER B 279 0.07 9.34 21.07
C SER B 279 0.38 10.84 21.12
N TYR B 280 0.83 11.40 20.00
CA TYR B 280 1.23 12.81 19.90
C TYR B 280 0.11 13.75 19.45
N PHE B 281 -0.97 13.19 18.92
CA PHE B 281 -2.13 13.97 18.47
C PHE B 281 -3.24 13.93 19.52
N PRO B 282 -4.12 14.94 19.52
CA PRO B 282 -5.25 14.98 20.45
C PRO B 282 -6.50 14.24 19.94
N LYS B 283 -7.46 14.04 20.83
CA LYS B 283 -8.76 13.50 20.43
C LYS B 283 -9.60 14.65 19.84
N ILE B 284 -10.39 14.36 18.82
CA ILE B 284 -11.38 15.32 18.29
C ILE B 284 -12.79 14.87 18.71
N SER B 285 -13.60 15.82 19.16
CA SER B 285 -14.95 15.54 19.68
C SER B 285 -15.99 16.41 19.01
N ILE B 286 -17.09 15.77 18.59
CA ILE B 286 -18.21 16.45 17.95
C ILE B 286 -19.43 16.28 18.86
N TYR B 287 -20.05 17.41 19.20
CA TYR B 287 -21.25 17.50 20.04
C TYR B 287 -22.52 17.62 19.20
N LEU B 288 -23.50 16.76 19.51
CA LEU B 288 -24.75 16.68 18.77
C LEU B 288 -25.90 16.91 19.73
N ARG B 289 -26.92 17.61 19.28
CA ARG B 289 -28.10 17.81 20.13
C ARG B 289 -28.73 16.46 20.38
N ASP B 290 -29.04 16.18 21.64
CA ASP B 290 -29.80 14.98 22.03
C ASP B 290 -31.28 15.15 21.66
N GLU B 291 -32.05 14.07 21.59
CA GLU B 291 -33.49 14.16 21.36
C GLU B 291 -34.15 15.11 22.39
N ASN B 292 -33.61 15.14 23.61
CA ASN B 292 -33.95 16.18 24.57
C ASN B 292 -33.15 17.48 24.33
N SER B 293 -33.87 18.53 23.94
CA SER B 293 -33.31 19.81 23.53
C SER B 293 -32.35 20.45 24.51
N SER B 294 -32.47 20.10 25.80
CA SER B 294 -31.60 20.68 26.83
C SER B 294 -30.34 19.85 27.04
N ARG B 295 -30.14 18.80 26.23
CA ARG B 295 -28.95 17.96 26.32
C ARG B 295 -28.25 17.77 24.99
N SER B 296 -27.01 17.32 25.10
CA SER B 296 -26.20 16.98 23.95
C SER B 296 -25.38 15.78 24.34
N PHE B 297 -24.86 15.09 23.33
CA PHE B 297 -23.87 14.07 23.60
C PHE B 297 -22.70 14.30 22.67
N ARG B 298 -21.67 13.51 22.88
CA ARG B 298 -20.37 13.78 22.31
C ARG B 298 -19.92 12.54 21.61
N ILE B 299 -19.58 12.64 20.32
CA ILE B 299 -18.84 11.56 19.65
C ILE B 299 -17.40 12.02 19.45
N THR B 300 -16.47 11.16 19.85
CA THR B 300 -15.06 11.47 19.92
C THR B 300 -14.27 10.49 19.07
N ILE B 301 -13.40 11.02 18.21
CA ILE B 301 -12.49 10.18 17.42
C ILE B 301 -11.06 10.33 17.95
N LEU B 302 -10.36 9.21 18.10
CA LEU B 302 -8.97 9.23 18.54
C LEU B 302 -8.06 9.36 17.33
N PRO B 303 -6.86 9.97 17.53
CA PRO B 303 -5.88 10.17 16.48
C PRO B 303 -5.80 9.05 15.48
N GLN B 304 -5.88 7.81 15.95
CA GLN B 304 -5.88 6.64 15.07
C GLN B 304 -6.91 6.66 13.94
N LEU B 305 -8.02 7.39 14.11
CA LEU B 305 -9.03 7.50 13.05
C LEU B 305 -8.72 8.62 12.07
N TYR B 306 -8.07 9.68 12.52
CA TYR B 306 -7.80 10.80 11.63
C TYR B 306 -6.33 10.97 11.22
N ILE B 307 -5.49 10.03 11.62
CA ILE B 307 -4.10 9.95 11.14
C ILE B 307 -3.96 8.55 10.61
N GLN B 308 -4.23 8.41 9.32
CA GLN B 308 -4.53 7.13 8.72
C GLN B 308 -3.31 6.51 8.03
N PRO B 309 -2.93 5.28 8.44
CA PRO B 309 -1.91 4.48 7.75
C PRO B 309 -2.36 4.02 6.36
N MET B 310 -1.47 4.09 5.37
CA MET B 310 -1.85 3.85 3.96
C MET B 310 -1.05 2.77 3.20
N MET B 311 -0.50 1.79 3.93
CA MET B 311 0.14 0.60 3.32
C MET B 311 -0.70 -0.68 3.60
N GLY B 312 -0.10 -1.86 3.47
CA GLY B 312 -0.80 -3.12 3.71
C GLY B 312 0.14 -4.29 3.96
N GLU B 318 5.54 2.90 8.50
CA GLU B 318 4.22 3.22 7.98
C GLU B 318 4.07 4.72 7.69
N CYS B 319 3.23 5.07 6.71
CA CYS B 319 3.05 6.47 6.30
C CYS B 319 1.59 6.89 6.44
N TYR B 320 1.39 8.12 6.92
CA TYR B 320 0.09 8.58 7.40
C TYR B 320 -0.49 9.75 6.59
N ARG B 321 -1.82 9.82 6.52
CA ARG B 321 -2.55 10.90 5.85
C ARG B 321 -3.55 11.54 6.83
N PHE B 322 -3.81 12.82 6.64
CA PHE B 322 -4.74 13.58 7.44
C PHE B 322 -6.16 13.21 6.98
N GLY B 323 -6.93 12.57 7.86
CA GLY B 323 -8.25 12.04 7.52
C GLY B 323 -9.37 13.07 7.49
N ILE B 324 -9.02 14.35 7.36
CA ILE B 324 -9.98 15.45 7.38
C ILE B 324 -9.65 16.30 6.16
N SER B 325 -10.69 16.82 5.51
CA SER B 325 -10.51 17.69 4.34
C SER B 325 -11.52 18.83 4.36
N PRO B 326 -11.19 19.94 3.66
CA PRO B 326 -12.11 21.05 3.61
C PRO B 326 -13.30 20.76 2.70
N SER B 327 -14.41 21.44 2.98
CA SER B 327 -15.60 21.36 2.15
C SER B 327 -15.95 22.80 1.78
N THR B 328 -16.74 22.96 0.72
CA THR B 328 -17.19 24.28 0.28
C THR B 328 -18.58 24.66 0.82
N ASN B 329 -19.20 23.79 1.63
CA ASN B 329 -20.57 24.04 2.13
C ASN B 329 -21.01 23.12 3.27
N ALA B 330 -20.92 21.83 3.04
CA ALA B 330 -21.43 20.84 3.97
C ALA B 330 -20.37 20.37 4.97
N LEU B 331 -20.80 20.12 6.20
CA LEU B 331 -19.98 19.35 7.13
C LEU B 331 -20.42 17.88 7.03
N VAL B 332 -19.48 17.00 6.65
CA VAL B 332 -19.82 15.61 6.35
C VAL B 332 -19.14 14.65 7.31
N ILE B 333 -19.95 13.99 8.13
CA ILE B 333 -19.49 12.90 8.94
C ILE B 333 -19.45 11.71 8.01
N GLY B 334 -18.26 11.48 7.46
CA GLY B 334 -18.06 10.43 6.48
C GLY B 334 -17.60 9.12 7.07
N ALA B 335 -17.21 8.19 6.21
CA ALA B 335 -16.85 6.85 6.66
C ALA B 335 -15.72 6.80 7.70
N THR B 336 -14.78 7.73 7.65
CA THR B 336 -13.68 7.67 8.60
C THR B 336 -14.18 7.81 10.02
N VAL B 337 -15.18 8.67 10.24
CA VAL B 337 -15.77 8.84 11.57
C VAL B 337 -16.75 7.74 11.88
N MET B 338 -17.58 7.41 10.91
CA MET B 338 -18.52 6.33 11.10
C MET B 338 -17.79 5.05 11.52
N GLU B 339 -16.53 4.91 11.08
CA GLU B 339 -15.70 3.76 11.43
C GLU B 339 -15.48 3.51 12.93
N GLY B 340 -15.63 4.54 13.77
CA GLY B 340 -15.52 4.34 15.22
C GLY B 340 -16.82 4.07 15.95
N PHE B 341 -17.90 3.79 15.21
CA PHE B 341 -19.23 3.74 15.83
C PHE B 341 -20.17 2.76 15.15
N TYR B 342 -21.20 2.37 15.91
CA TYR B 342 -22.37 1.73 15.32
C TYR B 342 -23.33 2.88 15.08
N VAL B 343 -23.82 3.02 13.84
CA VAL B 343 -24.68 4.13 13.45
C VAL B 343 -26.05 3.63 13.08
N ILE B 344 -27.07 4.27 13.64
CA ILE B 344 -28.43 3.82 13.42
C ILE B 344 -29.23 4.88 12.68
N PHE B 345 -29.76 4.52 11.53
CA PHE B 345 -30.53 5.44 10.70
C PHE B 345 -32.01 5.09 10.93
N ASP B 346 -32.56 5.67 11.98
CA ASP B 346 -33.92 5.36 12.44
C ASP B 346 -34.89 6.36 11.83
N ARG B 347 -35.30 6.05 10.61
CA ARG B 347 -36.19 6.93 9.81
C ARG B 347 -37.59 6.94 10.39
N ALA B 348 -37.95 5.83 11.02
CA ALA B 348 -39.26 5.68 11.67
C ALA B 348 -39.48 6.70 12.78
N GLN B 349 -38.42 7.04 13.54
CA GLN B 349 -38.51 8.02 14.64
C GLN B 349 -37.68 9.29 14.41
N LYS B 350 -37.23 9.49 13.16
CA LYS B 350 -36.60 10.74 12.74
C LYS B 350 -35.34 11.06 13.56
N ARG B 351 -34.41 10.11 13.59
CA ARG B 351 -33.24 10.24 14.48
C ARG B 351 -32.10 9.37 14.03
N VAL B 352 -30.86 9.80 14.30
CA VAL B 352 -29.66 9.02 14.03
C VAL B 352 -29.03 8.63 15.38
N GLY B 353 -28.78 7.34 15.56
CA GLY B 353 -28.22 6.86 16.80
C GLY B 353 -26.75 6.55 16.62
N PHE B 354 -25.97 6.71 17.69
CA PHE B 354 -24.57 6.32 17.74
C PHE B 354 -24.27 5.48 18.99
N ALA B 355 -23.50 4.41 18.82
CA ALA B 355 -22.98 3.62 19.93
C ALA B 355 -21.55 3.14 19.67
N ALA B 356 -20.84 2.87 20.76
CA ALA B 356 -19.49 2.31 20.72
C ALA B 356 -19.52 0.98 19.99
N SER B 357 -18.58 0.76 19.09
CA SER B 357 -18.52 -0.48 18.32
C SER B 357 -17.34 -1.31 18.77
N PRO B 358 -17.58 -2.59 19.15
CA PRO B 358 -16.47 -3.46 19.53
C PRO B 358 -15.44 -3.60 18.42
N CYS B 359 -15.92 -3.71 17.18
CA CYS B 359 -15.02 -3.93 16.04
C CYS B 359 -14.09 -2.71 15.78
N ALA B 360 -14.39 -1.56 16.38
CA ALA B 360 -13.60 -0.32 16.18
C ALA B 360 -12.41 -0.22 17.15
N GLU B 361 -11.40 -1.05 16.90
CA GLU B 361 -10.18 -1.04 17.70
C GLU B 361 -9.00 -1.26 16.78
N ILE B 362 -7.84 -0.76 17.21
CA ILE B 362 -6.56 -1.06 16.56
C ILE B 362 -5.58 -1.52 17.64
N ALA B 363 -5.20 -2.79 17.59
CA ALA B 363 -4.42 -3.44 18.65
C ALA B 363 -5.06 -3.26 20.02
N GLY B 364 -6.37 -3.46 20.06
CA GLY B 364 -7.16 -3.33 21.28
C GLY B 364 -7.27 -1.92 21.84
N ALA B 365 -6.62 -0.95 21.21
CA ALA B 365 -6.78 0.44 21.62
C ALA B 365 -8.03 0.99 20.93
N ALA B 366 -9.13 1.05 21.66
CA ALA B 366 -10.37 1.61 21.13
C ALA B 366 -10.07 2.96 20.48
N VAL B 367 -10.68 3.19 19.32
CA VAL B 367 -10.26 4.25 18.40
C VAL B 367 -11.22 5.44 18.46
N SER B 368 -12.21 5.34 19.33
CA SER B 368 -13.22 6.39 19.49
C SER B 368 -13.93 6.22 20.83
N GLU B 369 -14.63 7.27 21.26
CA GLU B 369 -15.42 7.27 22.50
C GLU B 369 -16.74 7.98 22.28
N ILE B 370 -17.67 7.74 23.19
CA ILE B 370 -18.95 8.42 23.15
C ILE B 370 -19.45 8.61 24.58
N SER B 371 -20.03 9.77 24.86
CA SER B 371 -20.54 10.03 26.20
C SER B 371 -21.52 11.18 26.22
N GLY B 372 -22.21 11.30 27.35
CA GLY B 372 -23.19 12.35 27.56
C GLY B 372 -23.97 11.99 28.80
N PRO B 373 -24.93 12.84 29.18
CA PRO B 373 -25.36 14.05 28.48
C PRO B 373 -24.49 15.25 28.82
N PHE B 374 -24.64 16.33 28.04
CA PHE B 374 -24.07 17.62 28.37
C PHE B 374 -25.10 18.72 28.14
N SER B 375 -25.12 19.71 29.03
CA SER B 375 -26.03 20.88 28.95
C SER B 375 -25.83 21.69 27.67
N THR B 376 -26.88 22.37 27.22
CA THR B 376 -26.85 23.19 25.99
C THR B 376 -27.30 24.65 26.20
N GLU B 377 -27.29 25.12 27.44
CA GLU B 377 -27.68 26.49 27.77
C GLU B 377 -26.71 27.52 27.17
N ASP B 378 -25.43 27.16 27.17
CA ASP B 378 -24.36 28.03 26.67
C ASP B 378 -24.35 28.21 25.14
N VAL B 379 -25.22 27.49 24.43
CA VAL B 379 -25.28 27.56 22.97
C VAL B 379 -26.73 27.79 22.52
N ALA B 380 -26.90 28.27 21.29
CA ALA B 380 -28.24 28.62 20.79
C ALA B 380 -29.15 27.41 20.63
N SER B 381 -30.45 27.64 20.76
CA SER B 381 -31.44 26.57 20.69
C SER B 381 -31.50 25.93 19.31
N ASN B 382 -31.41 26.74 18.25
CA ASN B 382 -31.30 26.25 16.87
C ASN B 382 -30.01 26.73 16.21
N CYS B 383 -29.16 25.77 15.88
CA CYS B 383 -27.89 26.05 15.24
C CYS B 383 -27.93 25.78 13.75
N VAL B 384 -29.14 25.53 13.23
CA VAL B 384 -29.31 25.21 11.83
C VAL B 384 -30.00 26.37 11.13
N PRO B 385 -29.26 27.05 10.21
CA PRO B 385 -29.85 28.16 9.47
C PRO B 385 -30.90 27.70 8.45
C1 B3P C . 24.16 -5.07 4.68
C2 B3P C . 22.84 -5.55 5.26
C3 B3P C . 24.19 -3.57 4.42
N1 B3P C . 25.38 -3.24 3.66
C4 B3P C . 26.52 -2.49 4.17
C5 B3P C . 25.99 -1.18 4.78
C6 B3P C . 27.25 -3.32 5.24
C7 B3P C . 27.54 -2.21 3.07
N2 B3P C . 22.05 -6.27 4.28
C8 B3P C . 20.92 -7.16 4.57
C9 B3P C . 20.56 -7.32 6.06
C10 B3P C . 19.71 -6.53 3.88
C11 B3P C . 21.34 -8.53 4.06
O1 B3P C . 19.49 -8.27 6.20
O2 B3P C . 19.16 -7.42 2.93
O3 B3P C . 22.77 -8.64 4.25
O4 B3P C . 24.66 -0.88 4.33
O5 B3P C . 28.06 -4.34 4.64
O6 B3P C . 27.17 -1.11 2.23
#